data_8GQK
#
_entry.id   8GQK
#
_cell.length_a   146.565
_cell.length_b   146.565
_cell.length_c   122.876
_cell.angle_alpha   90.000
_cell.angle_beta   90.000
_cell.angle_gamma   120.000
#
_symmetry.space_group_name_H-M   'P 31 2 1'
#
loop_
_entity.id
_entity.type
_entity.pdbx_description
1 polymer Thiolase
2 non-polymer 'CITRIC ACID'
3 water water
#
_entity_poly.entity_id   1
_entity_poly.type   'polypeptide(L)'
_entity_poly.pdbx_seq_one_letter_code
;MGSSHHHHHHSSGLVPRGSHMTREDPIVIVSAVRTPMGGFLGDFKDVNAATLGAAAVRAAVERARLQADEVDEAVLGCVL
AAGQGQAPARQAVLGAGLARGTPCSTLNKMCGSGMKALMLAHDTLLAGSAGVALAGGMESMSNAPYLLERARSGYRMGHG
KVLDHMFLDGLEDAYDKGRLMGTFAEDCAEAYGFTREAQDEFAVASLTRAQQAMRDGRFQAEIVPLTVTAGKTERLVDSD
EQPPKARLDKIPTLKPAFREGGTVTAANSSSISDGAAALVLMRLSEAERRGLAPLAAIRGHASFADAPNLFPTAPVGAVK
RLMQRTGWSLGEVDLFEVNEAFAVVGMAAMRDLDLSHERLNVHGGACALGHPIGASGARIVVTLLNALQQYDLERGVAAV
CIGGGEATAIAVERLRLEHHHHHH
;
_entity_poly.pdbx_strand_id   A,B
#
# COMPACT_ATOMS: atom_id res chain seq x y z
N GLU A 24 -25.77 6.90 18.43
CA GLU A 24 -24.42 6.25 18.37
C GLU A 24 -24.38 5.35 17.12
N ASP A 25 -23.57 5.66 16.12
CA ASP A 25 -23.61 4.93 14.83
C ASP A 25 -22.19 4.47 14.51
N PRO A 26 -21.63 3.57 15.31
CA PRO A 26 -20.23 3.17 15.16
C PRO A 26 -20.05 2.36 13.88
N ILE A 27 -18.82 2.30 13.39
CA ILE A 27 -18.49 1.34 12.31
C ILE A 27 -18.56 -0.06 12.92
N VAL A 28 -19.22 -0.98 12.24
CA VAL A 28 -19.33 -2.40 12.68
C VAL A 28 -18.68 -3.31 11.64
N ILE A 29 -18.08 -4.38 12.13
CA ILE A 29 -17.62 -5.50 11.29
C ILE A 29 -18.82 -6.45 11.11
N VAL A 30 -19.27 -6.70 9.90
CA VAL A 30 -20.47 -7.56 9.64
C VAL A 30 -20.04 -8.94 9.22
N SER A 31 -18.81 -9.16 8.78
CA SER A 31 -18.34 -10.49 8.35
C SER A 31 -16.85 -10.53 8.55
N ALA A 32 -16.31 -11.71 8.76
CA ALA A 32 -14.84 -11.85 8.99
C ALA A 32 -14.46 -13.29 8.72
N VAL A 33 -13.47 -13.52 7.87
CA VAL A 33 -13.12 -14.90 7.42
C VAL A 33 -11.63 -14.93 7.06
N ARG A 34 -11.03 -16.10 7.16
CA ARG A 34 -9.65 -16.34 6.73
C ARG A 34 -9.57 -17.64 5.94
N THR A 35 -8.54 -17.76 5.13
CA THR A 35 -8.16 -19.07 4.57
C THR A 35 -7.55 -19.86 5.71
N PRO A 36 -7.36 -21.19 5.55
CA PRO A 36 -6.46 -21.91 6.44
C PRO A 36 -5.11 -21.23 6.28
N MET A 37 -4.20 -21.40 7.24
CA MET A 37 -2.82 -20.93 7.09
C MET A 37 -1.94 -22.12 6.69
N GLY A 38 -1.35 -22.06 5.50
CA GLY A 38 -0.47 -23.10 4.99
C GLY A 38 0.96 -22.88 5.44
N GLY A 39 1.71 -23.97 5.48
CA GLY A 39 3.17 -23.93 5.67
C GLY A 39 3.88 -23.54 4.41
N PHE A 40 5.10 -23.07 4.57
CA PHE A 40 5.95 -22.62 3.44
C PHE A 40 6.17 -23.79 2.49
N LEU A 41 5.98 -23.58 1.20
CA LEU A 41 5.99 -24.62 0.13
C LEU A 41 5.12 -25.81 0.52
N GLY A 42 3.99 -25.60 1.20
CA GLY A 42 3.09 -26.68 1.65
C GLY A 42 1.77 -26.69 0.89
N ASP A 43 0.65 -26.71 1.59
CA ASP A 43 -0.72 -26.77 1.01
C ASP A 43 -0.91 -25.75 -0.12
N PHE A 44 -0.38 -24.52 -0.02
CA PHE A 44 -0.74 -23.45 -0.99
C PHE A 44 0.48 -23.11 -1.82
N LYS A 45 1.44 -24.04 -1.92
CA LYS A 45 2.70 -23.74 -2.66
C LYS A 45 2.37 -23.28 -4.08
N ASP A 46 1.29 -23.78 -4.67
CA ASP A 46 0.97 -23.49 -6.09
C ASP A 46 -0.14 -22.43 -6.19
N VAL A 47 -0.59 -21.82 -5.08
CA VAL A 47 -1.71 -20.83 -5.04
C VAL A 47 -1.09 -19.45 -4.86
N ASN A 48 -1.36 -18.53 -5.78
CA ASN A 48 -0.78 -17.18 -5.65
C ASN A 48 -1.55 -16.41 -4.57
N ALA A 49 -1.00 -15.29 -4.17
CA ALA A 49 -1.56 -14.41 -3.10
C ALA A 49 -2.98 -13.98 -3.50
N ALA A 50 -3.17 -13.61 -4.77
CA ALA A 50 -4.47 -13.07 -5.21
C ALA A 50 -5.55 -14.15 -5.15
N THR A 51 -5.18 -15.43 -5.30
CA THR A 51 -6.14 -16.57 -5.20
C THR A 51 -6.51 -16.77 -3.74
N LEU A 52 -5.51 -16.71 -2.84
CA LEU A 52 -5.82 -16.75 -1.40
C LEU A 52 -6.71 -15.55 -1.06
N GLY A 53 -6.34 -14.34 -1.48
CA GLY A 53 -7.15 -13.13 -1.19
C GLY A 53 -8.56 -13.30 -1.75
N ALA A 54 -8.66 -13.81 -2.99
CA ALA A 54 -9.96 -14.00 -3.66
C ALA A 54 -10.85 -14.92 -2.81
N ALA A 55 -10.29 -16.01 -2.26
CA ALA A 55 -11.09 -16.97 -1.46
C ALA A 55 -11.63 -16.23 -0.23
N ALA A 56 -10.79 -15.45 0.43
CA ALA A 56 -11.20 -14.77 1.67
C ALA A 56 -12.21 -13.67 1.33
N VAL A 57 -11.92 -12.87 0.31
CA VAL A 57 -12.84 -11.76 -0.06
C VAL A 57 -14.22 -12.34 -0.41
N ARG A 58 -14.25 -13.40 -1.23
CA ARG A 58 -15.51 -14.01 -1.72
C ARG A 58 -16.34 -14.44 -0.52
N ALA A 59 -15.76 -15.14 0.44
CA ALA A 59 -16.55 -15.61 1.60
C ALA A 59 -17.01 -14.42 2.46
N ALA A 60 -16.16 -13.40 2.64
CA ALA A 60 -16.51 -12.24 3.48
C ALA A 60 -17.73 -11.55 2.89
N VAL A 61 -17.71 -11.37 1.56
CA VAL A 61 -18.82 -10.71 0.83
C VAL A 61 -20.09 -11.57 0.97
N GLU A 62 -19.96 -12.89 0.81
CA GLU A 62 -21.08 -13.87 0.90
C GLU A 62 -21.67 -13.79 2.30
N ARG A 63 -20.84 -13.85 3.33
CA ARG A 63 -21.31 -13.82 4.75
C ARG A 63 -21.97 -12.47 5.05
N ALA A 64 -21.64 -11.41 4.36
CA ALA A 64 -22.28 -10.11 4.55
C ALA A 64 -23.57 -10.02 3.72
N ARG A 65 -23.88 -11.06 2.93
CA ARG A 65 -25.13 -11.16 2.12
C ARG A 65 -25.06 -10.05 1.08
N LEU A 66 -23.87 -9.66 0.60
CA LEU A 66 -23.75 -8.58 -0.38
C LEU A 66 -23.70 -9.17 -1.81
N GLN A 67 -24.14 -8.40 -2.79
CA GLN A 67 -23.97 -8.72 -4.23
C GLN A 67 -22.68 -8.09 -4.74
N ALA A 68 -22.26 -8.52 -5.92
CA ALA A 68 -20.98 -8.26 -6.58
C ALA A 68 -20.62 -6.76 -6.65
N ASP A 69 -21.60 -5.87 -6.70
CA ASP A 69 -21.39 -4.42 -6.97
C ASP A 69 -21.66 -3.59 -5.72
N GLU A 70 -21.75 -4.20 -4.52
CA GLU A 70 -22.11 -3.46 -3.27
C GLU A 70 -20.91 -3.13 -2.35
N VAL A 71 -19.68 -3.33 -2.79
CA VAL A 71 -18.44 -2.94 -2.04
C VAL A 71 -17.90 -1.66 -2.70
N ASP A 72 -17.93 -0.54 -1.99
CA ASP A 72 -17.57 0.81 -2.50
C ASP A 72 -16.06 1.03 -2.42
N GLU A 73 -15.34 0.24 -1.58
CA GLU A 73 -13.89 0.46 -1.30
C GLU A 73 -13.26 -0.86 -0.81
N ALA A 74 -12.17 -1.27 -1.41
CA ALA A 74 -11.44 -2.49 -1.02
C ALA A 74 -9.96 -2.11 -0.78
N VAL A 75 -9.43 -2.46 0.39
CA VAL A 75 -7.98 -2.30 0.72
C VAL A 75 -7.49 -3.65 1.24
N LEU A 76 -6.48 -4.24 0.60
CA LEU A 76 -5.90 -5.51 1.05
C LEU A 76 -4.41 -5.31 1.31
N GLY A 77 -3.98 -5.72 2.49
CA GLY A 77 -2.57 -5.81 2.88
C GLY A 77 -1.81 -6.84 2.07
N CYS A 78 -0.57 -6.53 1.73
CA CYS A 78 0.31 -7.51 1.06
C CYS A 78 1.69 -6.91 1.03
N VAL A 79 2.67 -7.63 1.54
CA VAL A 79 4.05 -7.08 1.65
C VAL A 79 4.85 -7.45 0.40
N LEU A 80 4.75 -8.69 -0.04
CA LEU A 80 5.62 -9.27 -1.08
C LEU A 80 4.83 -9.33 -2.40
N ALA A 81 4.78 -8.22 -3.09
CA ALA A 81 3.95 -8.02 -4.30
C ALA A 81 4.75 -8.35 -5.56
N ALA A 82 6.06 -8.59 -5.45
CA ALA A 82 6.94 -8.76 -6.62
C ALA A 82 6.51 -10.03 -7.35
N GLY A 83 6.37 -9.87 -8.65
CA GLY A 83 6.04 -10.98 -9.56
C GLY A 83 4.57 -11.31 -9.59
N GLN A 84 3.68 -10.58 -8.90
CA GLN A 84 2.23 -10.94 -8.86
C GLN A 84 1.49 -10.33 -10.06
N GLY A 85 2.13 -9.40 -10.77
CA GLY A 85 1.48 -8.53 -11.77
C GLY A 85 0.82 -7.30 -11.13
N GLN A 86 0.27 -6.42 -11.96
CA GLN A 86 -0.35 -5.14 -11.54
C GLN A 86 -1.40 -5.40 -10.47
N ALA A 87 -1.33 -4.64 -9.40
CA ALA A 87 -2.46 -4.41 -8.45
C ALA A 87 -2.93 -5.71 -7.83
N PRO A 88 -2.12 -6.35 -6.95
CA PRO A 88 -2.52 -7.58 -6.29
C PRO A 88 -3.96 -7.51 -5.71
N ALA A 89 -4.32 -6.44 -5.01
CA ALA A 89 -5.66 -6.31 -4.37
C ALA A 89 -6.78 -6.30 -5.45
N ARG A 90 -6.54 -5.62 -6.57
CA ARG A 90 -7.48 -5.60 -7.73
C ARG A 90 -7.65 -7.03 -8.27
N GLN A 91 -6.56 -7.80 -8.43
CA GLN A 91 -6.63 -9.22 -8.88
C GLN A 91 -7.44 -10.02 -7.90
N ALA A 92 -7.24 -9.82 -6.60
CA ALA A 92 -7.96 -10.65 -5.61
C ALA A 92 -9.45 -10.31 -5.61
N VAL A 93 -9.76 -9.02 -5.72
CA VAL A 93 -11.17 -8.53 -5.67
C VAL A 93 -11.93 -9.05 -6.90
N LEU A 94 -11.37 -8.93 -8.09
CA LEU A 94 -12.04 -9.36 -9.33
C LEU A 94 -12.04 -10.91 -9.36
N GLY A 95 -10.95 -11.53 -8.93
CA GLY A 95 -10.87 -12.99 -8.78
C GLY A 95 -11.96 -13.51 -7.87
N ALA A 96 -12.42 -12.75 -6.88
CA ALA A 96 -13.47 -13.18 -5.94
C ALA A 96 -14.86 -13.10 -6.58
N GLY A 97 -14.97 -12.44 -7.74
CA GLY A 97 -16.27 -12.22 -8.43
C GLY A 97 -16.87 -10.86 -8.16
N LEU A 98 -16.14 -9.97 -7.48
CA LEU A 98 -16.68 -8.60 -7.24
C LEU A 98 -16.67 -7.81 -8.55
N ALA A 99 -17.56 -6.84 -8.69
CA ALA A 99 -17.69 -6.12 -9.96
C ALA A 99 -16.46 -5.24 -10.22
N ARG A 100 -16.23 -4.97 -11.49
CA ARG A 100 -15.13 -4.12 -11.99
C ARG A 100 -15.25 -2.71 -11.46
N GLY A 101 -16.45 -2.28 -11.03
CA GLY A 101 -16.66 -0.96 -10.39
C GLY A 101 -15.99 -0.81 -9.01
N THR A 102 -15.47 -1.88 -8.42
CA THR A 102 -14.94 -1.96 -7.05
C THR A 102 -13.54 -1.34 -7.03
N PRO A 103 -13.36 -0.16 -6.38
CA PRO A 103 -12.03 0.44 -6.26
C PRO A 103 -11.15 -0.38 -5.31
N CYS A 104 -9.92 -0.64 -5.72
CA CYS A 104 -8.97 -1.52 -4.98
C CYS A 104 -7.67 -0.79 -4.72
N SER A 105 -7.05 -1.09 -3.59
CA SER A 105 -5.68 -0.66 -3.23
C SER A 105 -4.95 -1.79 -2.53
N THR A 106 -3.64 -1.87 -2.76
CA THR A 106 -2.74 -2.82 -2.10
C THR A 106 -1.86 -2.02 -1.12
N LEU A 107 -1.80 -2.51 0.11
CA LEU A 107 -1.20 -1.80 1.25
C LEU A 107 -0.06 -2.61 1.84
N ASN A 108 1.05 -1.94 2.07
CA ASN A 108 2.23 -2.51 2.74
C ASN A 108 2.54 -1.67 4.00
N LYS A 109 2.11 -2.17 5.15
CA LYS A 109 2.63 -1.77 6.48
C LYS A 109 3.28 -2.99 7.15
N MET A 110 4.12 -3.70 6.40
CA MET A 110 4.83 -4.92 6.82
C MET A 110 3.86 -5.83 7.55
N CYS A 111 4.25 -6.34 8.71
CA CYS A 111 3.54 -7.37 9.49
C CYS A 111 2.19 -6.81 9.92
N GLY A 112 1.97 -5.49 9.81
CA GLY A 112 0.72 -4.87 10.26
C GLY A 112 -0.23 -4.53 9.11
N SER A 113 0.10 -4.91 7.87
CA SER A 113 -0.62 -4.54 6.63
C SER A 113 -2.12 -4.82 6.76
N GLY A 114 -2.46 -6.00 7.24
CA GLY A 114 -3.84 -6.48 7.31
C GLY A 114 -4.65 -5.68 8.31
N MET A 115 -4.01 -5.20 9.36
CA MET A 115 -4.71 -4.38 10.37
C MET A 115 -4.83 -2.92 9.87
N LYS A 116 -3.78 -2.39 9.27
CA LYS A 116 -3.79 -1.01 8.73
C LYS A 116 -4.90 -0.92 7.65
N ALA A 117 -5.11 -1.96 6.85
CA ALA A 117 -6.21 -2.07 5.87
C ALA A 117 -7.54 -1.85 6.57
N LEU A 118 -7.76 -2.50 7.70
CA LEU A 118 -9.02 -2.33 8.48
C LEU A 118 -9.13 -0.88 8.98
N MET A 119 -8.02 -0.32 9.43
CA MET A 119 -7.96 1.03 10.01
C MET A 119 -8.32 2.10 8.94
N LEU A 120 -7.75 2.03 7.73
CA LEU A 120 -8.03 2.94 6.59
C LEU A 120 -9.48 2.78 6.12
N ALA A 121 -9.96 1.54 6.04
CA ALA A 121 -11.32 1.25 5.60
C ALA A 121 -12.25 1.89 6.61
N HIS A 122 -11.99 1.63 7.90
CA HIS A 122 -12.74 2.24 9.02
C HIS A 122 -12.84 3.76 8.84
N ASP A 123 -11.71 4.44 8.69
CA ASP A 123 -11.73 5.92 8.62
C ASP A 123 -12.37 6.39 7.29
N THR A 124 -12.25 5.60 6.20
CA THR A 124 -12.87 5.93 4.90
C THR A 124 -14.39 5.95 5.10
N LEU A 125 -14.93 5.00 5.88
CA LEU A 125 -16.38 4.98 6.17
C LEU A 125 -16.72 6.22 7.00
N LEU A 126 -16.00 6.49 8.09
CA LEU A 126 -16.37 7.59 9.02
C LEU A 126 -16.29 8.90 8.25
N ALA A 127 -15.31 9.04 7.37
CA ALA A 127 -15.14 10.27 6.58
C ALA A 127 -16.32 10.49 5.64
N GLY A 128 -17.16 9.49 5.35
CA GLY A 128 -18.23 9.55 4.33
C GLY A 128 -17.67 9.32 2.92
N SER A 129 -16.52 8.68 2.75
CA SER A 129 -16.01 8.37 1.41
C SER A 129 -16.55 7.03 0.92
N ALA A 130 -17.27 6.25 1.75
CA ALA A 130 -17.83 4.92 1.38
C ALA A 130 -18.95 4.53 2.33
N GLY A 131 -19.84 3.66 1.88
CA GLY A 131 -20.92 3.09 2.70
C GLY A 131 -20.61 1.67 3.14
N VAL A 132 -19.89 0.93 2.29
CA VAL A 132 -19.53 -0.50 2.54
C VAL A 132 -18.08 -0.69 2.13
N ALA A 133 -17.20 -1.09 3.06
CA ALA A 133 -15.78 -1.27 2.73
C ALA A 133 -15.38 -2.69 3.04
N LEU A 134 -14.39 -3.17 2.29
CA LEU A 134 -13.79 -4.49 2.51
C LEU A 134 -12.33 -4.25 2.86
N ALA A 135 -11.85 -4.92 3.91
CA ALA A 135 -10.43 -4.84 4.32
C ALA A 135 -9.92 -6.24 4.60
N GLY A 136 -8.59 -6.38 4.53
CA GLY A 136 -7.93 -7.64 4.88
C GLY A 136 -6.50 -7.61 4.45
N GLY A 137 -5.96 -8.79 4.29
CA GLY A 137 -4.59 -8.95 3.80
C GLY A 137 -4.42 -10.35 3.27
N MET A 138 -3.35 -10.56 2.54
CA MET A 138 -3.08 -11.82 1.80
C MET A 138 -1.56 -11.90 1.60
N GLU A 139 -1.02 -13.10 1.69
CA GLU A 139 0.43 -13.29 1.49
C GLU A 139 0.67 -14.73 1.04
N SER A 140 1.34 -14.86 -0.10
CA SER A 140 1.97 -16.11 -0.53
C SER A 140 3.48 -15.95 -0.42
N MET A 141 4.00 -16.34 0.74
CA MET A 141 5.46 -16.31 0.96
C MET A 141 6.10 -17.43 0.10
N SER A 142 5.37 -18.52 -0.12
CA SER A 142 5.72 -19.58 -1.10
C SER A 142 6.05 -19.02 -2.48
N ASN A 143 5.34 -18.01 -2.99
CA ASN A 143 5.48 -17.55 -4.40
C ASN A 143 6.25 -16.24 -4.47
N ALA A 144 6.83 -15.78 -3.36
CA ALA A 144 7.74 -14.63 -3.50
C ALA A 144 8.85 -15.07 -4.44
N PRO A 145 9.20 -14.29 -5.46
CA PRO A 145 10.30 -14.64 -6.35
C PRO A 145 11.70 -14.27 -5.84
N TYR A 146 12.70 -14.49 -6.71
CA TYR A 146 14.10 -14.06 -6.49
C TYR A 146 14.33 -12.85 -7.37
N LEU A 147 15.24 -11.95 -6.96
CA LEU A 147 15.52 -10.67 -7.62
C LEU A 147 16.98 -10.67 -8.05
N LEU A 148 17.25 -9.93 -9.11
CA LEU A 148 18.59 -9.64 -9.62
C LEU A 148 18.64 -8.14 -9.67
N GLU A 149 19.39 -7.61 -8.72
CA GLU A 149 19.43 -6.17 -8.39
C GLU A 149 20.26 -5.51 -9.49
N ARG A 150 21.08 -6.26 -10.22
CA ARG A 150 22.01 -5.60 -11.18
C ARG A 150 21.85 -6.20 -12.58
N ALA A 151 20.73 -6.90 -12.81
CA ALA A 151 20.44 -7.50 -14.14
C ALA A 151 20.18 -6.37 -15.14
N ARG A 152 19.73 -5.17 -14.68
CA ARG A 152 19.25 -4.08 -15.57
C ARG A 152 20.47 -3.48 -16.28
N SER A 153 21.48 -3.07 -15.50
CA SER A 153 22.67 -2.34 -16.01
C SER A 153 23.93 -3.21 -16.05
N GLY A 154 23.89 -4.43 -15.50
CA GLY A 154 24.97 -5.44 -15.60
C GLY A 154 25.72 -5.67 -14.28
N TYR A 155 26.13 -6.91 -14.03
CA TYR A 155 27.06 -7.32 -12.93
C TYR A 155 28.52 -7.01 -13.32
N ARG A 156 28.81 -6.80 -14.63
CA ARG A 156 30.14 -6.45 -15.22
C ARG A 156 31.19 -7.58 -15.04
N MET A 157 31.55 -7.95 -13.82
CA MET A 157 32.47 -9.11 -13.58
C MET A 157 32.48 -9.46 -12.10
N GLY A 158 32.64 -10.74 -11.81
CA GLY A 158 32.58 -11.27 -10.44
C GLY A 158 31.16 -11.64 -10.11
N HIS A 159 31.04 -12.54 -9.14
CA HIS A 159 29.76 -13.03 -8.59
C HIS A 159 28.91 -11.87 -8.05
N GLY A 160 27.62 -12.14 -8.01
CA GLY A 160 26.59 -11.22 -7.56
C GLY A 160 25.64 -12.01 -6.73
N LYS A 161 24.53 -11.40 -6.32
CA LYS A 161 23.56 -12.06 -5.44
C LYS A 161 22.30 -12.33 -6.24
N VAL A 162 21.66 -13.45 -5.98
CA VAL A 162 20.26 -13.67 -6.37
C VAL A 162 19.47 -13.58 -5.08
N LEU A 163 18.66 -12.52 -4.94
CA LEU A 163 18.08 -12.10 -3.63
C LEU A 163 16.67 -12.67 -3.48
N ASP A 164 16.48 -13.42 -2.41
CA ASP A 164 15.15 -13.87 -1.96
C ASP A 164 14.32 -12.62 -1.55
N HIS A 165 13.29 -12.30 -2.32
CA HIS A 165 12.39 -11.14 -2.14
C HIS A 165 11.76 -11.23 -0.73
N MET A 166 11.39 -12.43 -0.31
CA MET A 166 10.82 -12.67 1.02
C MET A 166 11.84 -12.22 2.08
N PHE A 167 13.14 -12.56 1.92
CA PHE A 167 14.15 -12.19 2.94
C PHE A 167 14.40 -10.68 2.85
N LEU A 168 14.74 -10.22 1.65
CA LEU A 168 15.25 -8.85 1.51
C LEU A 168 14.15 -7.85 1.82
N ASP A 169 12.92 -8.13 1.36
CA ASP A 169 11.85 -7.11 1.34
C ASP A 169 10.88 -7.38 2.48
N GLY A 170 10.93 -8.56 3.06
CA GLY A 170 9.99 -8.97 4.14
C GLY A 170 10.60 -9.17 5.53
N LEU A 171 11.75 -9.85 5.62
CA LEU A 171 12.27 -10.45 6.88
C LEU A 171 13.49 -9.70 7.41
N GLU A 172 14.22 -8.95 6.61
CA GLU A 172 15.49 -8.32 7.07
C GLU A 172 15.25 -6.83 7.36
N ASP A 173 15.99 -6.30 8.31
CA ASP A 173 15.98 -4.85 8.62
C ASP A 173 16.57 -4.10 7.45
N ALA A 174 16.03 -2.90 7.21
CA ALA A 174 16.50 -2.03 6.12
C ALA A 174 17.69 -1.21 6.60
N TYR A 175 17.94 -1.12 7.92
CA TYR A 175 18.93 -0.16 8.49
C TYR A 175 20.19 -0.92 8.91
N ASP A 176 20.09 -1.95 9.75
CA ASP A 176 21.15 -2.97 9.99
C ASP A 176 21.02 -3.99 8.85
N LYS A 177 21.60 -3.64 7.70
CA LYS A 177 21.32 -4.31 6.40
C LYS A 177 21.56 -5.79 6.63
N GLY A 178 20.63 -6.63 6.19
CA GLY A 178 20.78 -8.09 6.22
C GLY A 178 20.43 -8.68 7.56
N ARG A 179 20.21 -7.88 8.61
CA ARG A 179 19.92 -8.45 9.95
C ARG A 179 18.47 -8.95 9.97
N LEU A 180 18.27 -10.19 10.35
CA LEU A 180 16.91 -10.74 10.51
C LEU A 180 16.24 -10.18 11.76
N MET A 181 14.93 -10.06 11.73
CA MET A 181 14.14 -9.51 12.84
C MET A 181 14.30 -10.37 14.11
N GLY A 182 14.65 -11.64 13.97
CA GLY A 182 14.85 -12.51 15.14
C GLY A 182 16.03 -12.07 16.01
N THR A 183 17.01 -11.35 15.46
CA THR A 183 18.13 -10.81 16.25
C THR A 183 17.56 -9.75 17.20
N PHE A 184 16.57 -8.95 16.76
CA PHE A 184 15.96 -7.91 17.62
C PHE A 184 15.09 -8.63 18.66
N ALA A 185 14.54 -9.78 18.31
CA ALA A 185 13.80 -10.62 19.28
C ALA A 185 14.75 -11.14 20.36
N GLU A 186 15.97 -11.48 19.99
CA GLU A 186 16.99 -11.96 20.97
C GLU A 186 17.36 -10.77 21.86
N ASP A 187 17.53 -9.56 21.30
CA ASP A 187 17.79 -8.33 22.12
C ASP A 187 16.72 -8.23 23.20
N CYS A 188 15.48 -8.47 22.82
CA CYS A 188 14.34 -8.28 23.75
C CYS A 188 14.39 -9.39 24.82
N ALA A 189 14.68 -10.63 24.43
CA ALA A 189 14.84 -11.75 25.39
C ALA A 189 15.91 -11.41 26.43
N GLU A 190 17.07 -10.92 25.99
CA GLU A 190 18.15 -10.42 26.89
C GLU A 190 17.60 -9.28 27.78
N ALA A 191 17.01 -8.23 27.21
CA ALA A 191 16.60 -7.03 27.99
C ALA A 191 15.58 -7.45 29.06
N TYR A 192 14.70 -8.40 28.76
CA TYR A 192 13.57 -8.77 29.65
C TYR A 192 13.97 -9.98 30.51
N GLY A 193 15.07 -10.66 30.20
CA GLY A 193 15.42 -11.90 30.94
C GLY A 193 14.46 -13.01 30.62
N PHE A 194 14.00 -13.12 29.37
CA PHE A 194 13.06 -14.21 29.04
C PHE A 194 13.94 -15.42 28.73
N THR A 195 13.87 -16.49 29.52
CA THR A 195 14.78 -17.67 29.34
C THR A 195 14.31 -18.47 28.13
N ARG A 196 15.21 -19.30 27.61
CA ARG A 196 14.93 -20.37 26.61
C ARG A 196 13.70 -21.16 27.04
N GLU A 197 13.65 -21.54 28.31
CA GLU A 197 12.59 -22.40 28.85
C GLU A 197 11.26 -21.65 28.82
N ALA A 198 11.23 -20.40 29.30
CA ALA A 198 9.97 -19.60 29.40
C ALA A 198 9.40 -19.36 27.98
N GLN A 199 10.24 -19.04 26.99
CA GLN A 199 9.83 -18.84 25.57
C GLN A 199 9.26 -20.17 25.02
N ASP A 200 9.93 -21.28 25.29
CA ASP A 200 9.51 -22.62 24.79
C ASP A 200 8.19 -22.96 25.46
N GLU A 201 7.99 -22.59 26.71
CA GLU A 201 6.69 -22.87 27.38
C GLU A 201 5.58 -22.04 26.72
N PHE A 202 5.88 -20.80 26.31
CA PHE A 202 4.87 -19.93 25.65
C PHE A 202 4.48 -20.64 24.33
N ALA A 203 5.48 -21.05 23.56
CA ALA A 203 5.29 -21.73 22.26
C ALA A 203 4.50 -23.02 22.45
N VAL A 204 4.77 -23.78 23.52
CA VAL A 204 4.06 -25.08 23.73
C VAL A 204 2.60 -24.77 24.07
N ALA A 205 2.33 -23.72 24.83
CA ALA A 205 0.93 -23.34 25.15
C ALA A 205 0.26 -22.89 23.83
N SER A 206 0.97 -22.19 22.97
CA SER A 206 0.40 -21.74 21.66
C SER A 206 0.05 -22.97 20.81
N LEU A 207 0.97 -23.91 20.60
CA LEU A 207 0.72 -25.18 19.84
C LEU A 207 -0.40 -26.00 20.47
N THR A 208 -0.39 -26.17 21.78
CA THR A 208 -1.43 -26.98 22.51
C THR A 208 -2.81 -26.37 22.25
N ARG A 209 -2.95 -25.07 22.51
CA ARG A 209 -4.21 -24.30 22.33
C ARG A 209 -4.70 -24.39 20.89
N ALA A 210 -3.81 -24.24 19.92
CA ALA A 210 -4.17 -24.34 18.49
C ALA A 210 -4.64 -25.77 18.17
N GLN A 211 -3.90 -26.78 18.66
CA GLN A 211 -4.22 -28.23 18.39
C GLN A 211 -5.57 -28.52 18.98
N GLN A 212 -5.82 -28.01 20.18
CA GLN A 212 -7.12 -28.22 20.84
C GLN A 212 -8.22 -27.43 20.13
N ALA A 213 -7.95 -26.21 19.64
CA ALA A 213 -8.97 -25.37 18.96
C ALA A 213 -9.38 -26.11 17.71
N MET A 214 -8.38 -26.59 16.98
CA MET A 214 -8.61 -27.41 15.76
C MET A 214 -9.54 -28.59 16.09
N ARG A 215 -9.18 -29.40 17.09
CA ARG A 215 -9.86 -30.69 17.37
C ARG A 215 -11.29 -30.35 17.82
N ASP A 216 -11.52 -29.29 18.58
CA ASP A 216 -12.89 -28.98 19.09
C ASP A 216 -13.70 -28.15 18.08
N GLY A 217 -13.20 -27.92 16.88
CA GLY A 217 -13.92 -27.13 15.85
C GLY A 217 -13.94 -25.63 16.13
N ARG A 218 -13.04 -25.07 16.93
CA ARG A 218 -13.13 -23.64 17.32
C ARG A 218 -12.60 -22.71 16.19
N PHE A 219 -11.97 -23.25 15.16
CA PHE A 219 -11.61 -22.51 13.93
C PHE A 219 -12.65 -22.69 12.80
N GLN A 220 -13.57 -23.62 12.92
CA GLN A 220 -14.46 -23.95 11.78
C GLN A 220 -15.28 -22.73 11.33
N ALA A 221 -15.85 -21.92 12.21
CA ALA A 221 -16.70 -20.77 11.86
C ALA A 221 -15.91 -19.66 11.14
N GLU A 222 -14.57 -19.61 11.27
CA GLU A 222 -13.75 -18.46 10.79
C GLU A 222 -13.04 -18.84 9.50
N ILE A 223 -13.02 -20.13 9.09
CA ILE A 223 -12.19 -20.57 7.94
C ILE A 223 -13.06 -20.77 6.71
N VAL A 224 -12.59 -20.32 5.54
CA VAL A 224 -13.17 -20.69 4.22
C VAL A 224 -12.20 -21.70 3.63
N PRO A 225 -12.68 -22.90 3.25
CA PRO A 225 -11.81 -23.90 2.62
C PRO A 225 -11.46 -23.48 1.18
N LEU A 226 -10.31 -23.89 0.70
CA LEU A 226 -9.92 -23.77 -0.71
C LEU A 226 -9.82 -25.18 -1.32
N THR A 227 -10.13 -25.29 -2.59
CA THR A 227 -9.85 -26.49 -3.42
C THR A 227 -8.51 -26.26 -4.12
N VAL A 228 -7.52 -27.11 -3.87
CA VAL A 228 -6.18 -27.02 -4.51
C VAL A 228 -6.04 -28.18 -5.52
N THR A 229 -5.46 -27.91 -6.67
CA THR A 229 -5.32 -28.88 -7.79
C THR A 229 -3.90 -29.43 -7.75
N ALA A 230 -3.74 -30.67 -7.28
CA ALA A 230 -2.47 -31.43 -7.22
C ALA A 230 -2.29 -32.25 -8.51
N GLY A 231 -1.97 -31.59 -9.63
CA GLY A 231 -1.78 -32.19 -10.96
C GLY A 231 -3.11 -32.58 -11.60
N LYS A 232 -3.51 -33.85 -11.48
CA LYS A 232 -4.80 -34.37 -12.01
C LYS A 232 -5.79 -34.45 -10.84
N THR A 233 -5.32 -34.77 -9.66
CA THR A 233 -6.11 -34.85 -8.40
C THR A 233 -6.57 -33.43 -7.96
N GLU A 234 -7.61 -33.35 -7.13
CA GLU A 234 -8.05 -32.12 -6.42
C GLU A 234 -8.08 -32.42 -4.92
N ARG A 235 -7.71 -31.45 -4.07
CA ARG A 235 -7.75 -31.64 -2.60
C ARG A 235 -8.43 -30.44 -1.93
N LEU A 236 -9.24 -30.75 -0.93
CA LEU A 236 -9.96 -29.79 -0.08
C LEU A 236 -9.03 -29.45 1.09
N VAL A 237 -8.54 -28.20 1.15
CA VAL A 237 -7.73 -27.67 2.29
C VAL A 237 -8.67 -26.83 3.16
N ASP A 238 -9.07 -27.35 4.31
CA ASP A 238 -10.11 -26.78 5.21
C ASP A 238 -9.55 -26.61 6.61
N SER A 239 -8.25 -26.87 6.81
CA SER A 239 -7.64 -26.78 8.16
C SER A 239 -6.20 -26.30 8.09
N ASP A 240 -5.76 -25.69 9.20
CA ASP A 240 -4.41 -25.08 9.36
C ASP A 240 -3.37 -26.19 9.26
N GLU A 241 -2.37 -25.99 8.42
CA GLU A 241 -1.38 -27.04 8.09
C GLU A 241 -0.45 -27.32 9.27
N GLN A 242 -0.09 -26.29 10.06
CA GLN A 242 1.17 -26.34 10.87
C GLN A 242 0.98 -27.00 12.22
N PRO A 243 -0.09 -26.74 13.00
CA PRO A 243 -0.19 -27.30 14.34
C PRO A 243 -0.07 -28.83 14.32
N PRO A 244 -0.83 -29.59 13.50
CA PRO A 244 -0.64 -31.05 13.43
C PRO A 244 0.78 -31.55 13.14
N LYS A 245 1.66 -30.78 12.53
CA LYS A 245 3.01 -31.23 12.09
C LYS A 245 4.10 -30.85 13.09
N ALA A 246 3.70 -30.26 14.19
CA ALA A 246 4.58 -29.75 15.27
C ALA A 246 5.15 -30.91 16.11
N ARG A 247 6.47 -30.95 16.21
CA ARG A 247 7.23 -31.93 17.04
C ARG A 247 7.47 -31.33 18.44
N LEU A 248 6.55 -31.48 19.40
CA LEU A 248 6.71 -30.98 20.80
C LEU A 248 8.04 -31.48 21.39
N ASP A 249 8.42 -32.72 21.12
CA ASP A 249 9.66 -33.35 21.65
C ASP A 249 10.89 -32.59 21.17
N LYS A 250 10.94 -32.08 19.94
CA LYS A 250 12.13 -31.38 19.38
C LYS A 250 12.29 -29.93 19.93
N ILE A 251 11.27 -29.33 20.52
CA ILE A 251 11.25 -27.88 20.92
C ILE A 251 12.40 -27.60 21.89
N PRO A 252 12.57 -28.36 23.00
CA PRO A 252 13.68 -28.07 23.92
C PRO A 252 15.06 -28.41 23.36
N THR A 253 15.18 -28.95 22.14
CA THR A 253 16.43 -29.48 21.54
C THR A 253 16.96 -28.61 20.42
N LEU A 254 16.16 -27.69 19.87
CA LEU A 254 16.59 -26.83 18.74
C LEU A 254 17.75 -25.96 19.19
N LYS A 255 18.63 -25.60 18.27
CA LYS A 255 19.70 -24.59 18.49
C LYS A 255 19.05 -23.21 18.47
N PRO A 256 19.70 -22.18 19.07
CA PRO A 256 19.30 -20.80 18.86
C PRO A 256 19.33 -20.56 17.35
N ALA A 257 18.46 -19.68 16.82
CA ALA A 257 18.33 -19.44 15.37
C ALA A 257 19.02 -18.15 14.97
N PHE A 258 19.16 -17.16 15.86
CA PHE A 258 19.55 -15.78 15.45
C PHE A 258 20.89 -15.36 16.07
N ARG A 259 21.27 -15.99 17.17
CA ARG A 259 22.48 -15.55 17.92
C ARG A 259 23.12 -16.77 18.61
N GLU A 260 24.43 -16.94 18.39
CA GLU A 260 25.32 -17.88 19.12
C GLU A 260 24.97 -17.79 20.60
N GLY A 261 24.48 -18.87 21.21
CA GLY A 261 24.27 -18.94 22.66
C GLY A 261 22.98 -18.25 23.07
N GLY A 262 22.07 -18.04 22.12
CA GLY A 262 20.82 -17.28 22.36
C GLY A 262 19.74 -18.21 22.86
N THR A 263 18.49 -17.74 22.83
CA THR A 263 17.30 -18.35 23.44
C THR A 263 16.22 -18.52 22.37
N VAL A 264 16.29 -17.69 21.34
CA VAL A 264 15.23 -17.68 20.30
C VAL A 264 15.58 -18.74 19.25
N THR A 265 14.61 -19.56 18.89
CA THR A 265 14.75 -20.70 17.96
C THR A 265 13.61 -20.65 16.93
N ALA A 266 13.65 -21.55 15.95
CA ALA A 266 12.56 -21.75 14.97
C ALA A 266 11.27 -22.08 15.71
N ALA A 267 11.26 -22.78 16.84
CA ALA A 267 9.97 -23.16 17.47
C ALA A 267 9.42 -22.08 18.42
N ASN A 268 10.17 -21.06 18.88
CA ASN A 268 9.55 -20.01 19.74
C ASN A 268 9.43 -18.71 18.93
N SER A 269 9.71 -18.80 17.63
CA SER A 269 9.48 -17.84 16.54
C SER A 269 8.29 -18.34 15.70
N SER A 270 7.56 -17.44 15.04
CA SER A 270 6.48 -17.83 14.10
C SER A 270 7.17 -18.45 12.90
N SER A 271 6.44 -19.16 12.08
CA SER A 271 6.95 -19.71 10.82
C SER A 271 6.42 -18.90 9.62
N ILE A 272 7.15 -19.01 8.51
CA ILE A 272 6.76 -18.58 7.14
C ILE A 272 5.47 -19.32 6.80
N SER A 273 4.53 -18.62 6.19
CA SER A 273 3.15 -19.13 6.06
C SER A 273 2.50 -18.40 4.89
N ASP A 274 1.53 -19.08 4.30
CA ASP A 274 0.73 -18.58 3.17
C ASP A 274 -0.70 -18.46 3.68
N GLY A 275 -1.38 -17.34 3.43
CA GLY A 275 -2.78 -17.20 3.88
C GLY A 275 -3.37 -15.83 3.58
N ALA A 276 -4.67 -15.68 3.88
CA ALA A 276 -5.41 -14.44 3.67
C ALA A 276 -6.58 -14.35 4.63
N ALA A 277 -7.07 -13.13 4.81
CA ALA A 277 -8.21 -12.83 5.68
C ALA A 277 -8.93 -11.60 5.15
N ALA A 278 -10.24 -11.55 5.35
CA ALA A 278 -11.02 -10.40 4.84
C ALA A 278 -12.21 -10.18 5.75
N LEU A 279 -12.60 -8.92 5.86
CA LEU A 279 -13.71 -8.45 6.71
C LEU A 279 -14.47 -7.36 5.95
N VAL A 280 -15.77 -7.29 6.20
CA VAL A 280 -16.65 -6.24 5.63
C VAL A 280 -17.07 -5.32 6.77
N LEU A 281 -16.97 -4.01 6.54
CA LEU A 281 -17.30 -2.95 7.51
C LEU A 281 -18.38 -2.05 6.91
N MET A 282 -19.15 -1.42 7.79
CA MET A 282 -20.19 -0.45 7.45
C MET A 282 -20.67 0.19 8.76
N ARG A 283 -21.30 1.35 8.66
CA ARG A 283 -22.05 1.94 9.80
C ARG A 283 -23.03 0.91 10.35
N LEU A 284 -23.23 0.92 11.66
CA LEU A 284 -24.31 0.12 12.29
C LEU A 284 -25.64 0.40 11.59
N SER A 285 -25.95 1.67 11.30
CA SER A 285 -27.26 2.05 10.72
C SER A 285 -27.42 1.40 9.35
N GLU A 286 -26.34 1.29 8.55
CA GLU A 286 -26.34 0.57 7.25
C GLU A 286 -26.52 -0.95 7.45
N ALA A 287 -25.91 -1.54 8.48
CA ALA A 287 -26.06 -2.97 8.78
C ALA A 287 -27.53 -3.23 9.17
N GLU A 288 -28.15 -2.32 9.89
CA GLU A 288 -29.55 -2.44 10.37
C GLU A 288 -30.48 -2.31 9.16
N ARG A 289 -30.23 -1.34 8.30
CA ARG A 289 -30.99 -1.16 7.05
C ARG A 289 -30.92 -2.44 6.25
N ARG A 290 -29.81 -3.15 6.23
CA ARG A 290 -29.70 -4.40 5.42
C ARG A 290 -30.18 -5.64 6.22
N GLY A 291 -30.63 -5.51 7.48
CA GLY A 291 -31.01 -6.67 8.32
C GLY A 291 -29.83 -7.57 8.64
N LEU A 292 -28.64 -6.99 8.79
CA LEU A 292 -27.38 -7.76 8.90
C LEU A 292 -26.88 -7.66 10.35
N ALA A 293 -26.79 -8.76 11.09
CA ALA A 293 -26.43 -8.73 12.53
C ALA A 293 -24.92 -8.51 12.55
N PRO A 294 -24.42 -7.41 13.16
CA PRO A 294 -22.98 -7.16 13.21
C PRO A 294 -22.23 -8.20 14.07
N LEU A 295 -20.97 -8.50 13.77
CA LEU A 295 -20.12 -9.26 14.70
C LEU A 295 -19.67 -8.36 15.85
N ALA A 296 -19.33 -7.11 15.57
CA ALA A 296 -18.82 -6.18 16.60
C ALA A 296 -18.68 -4.76 16.05
N ALA A 297 -18.71 -3.80 16.97
CA ALA A 297 -18.34 -2.38 16.74
C ALA A 297 -16.82 -2.24 16.88
N ILE A 298 -16.22 -1.46 15.97
CA ILE A 298 -14.83 -0.95 16.15
C ILE A 298 -14.93 0.26 17.11
N ARG A 299 -14.25 0.19 18.25
CA ARG A 299 -14.29 1.30 19.24
C ARG A 299 -13.04 2.18 19.14
N GLY A 300 -12.01 1.75 18.45
CA GLY A 300 -10.89 2.63 18.19
C GLY A 300 -9.74 1.90 17.60
N HIS A 301 -8.75 2.65 17.15
CA HIS A 301 -7.50 2.07 16.63
C HIS A 301 -6.36 3.05 16.92
N ALA A 302 -5.15 2.50 17.04
CA ALA A 302 -3.98 3.26 17.44
C ALA A 302 -2.80 2.76 16.63
N SER A 303 -1.91 3.71 16.33
CA SER A 303 -0.61 3.46 15.69
C SER A 303 0.52 3.93 16.59
N PHE A 304 1.60 3.17 16.63
CA PHE A 304 2.77 3.43 17.48
C PHE A 304 4.00 3.05 16.68
N ALA A 305 4.99 3.88 16.79
CA ALA A 305 6.29 3.61 16.15
C ALA A 305 7.40 4.03 17.09
N ASP A 306 8.52 3.31 16.99
CA ASP A 306 9.80 3.61 17.66
C ASP A 306 10.94 2.99 16.84
N ALA A 307 12.17 3.00 17.35
CA ALA A 307 13.38 2.49 16.66
C ALA A 307 13.10 1.11 16.08
N PRO A 308 13.47 0.87 14.81
CA PRO A 308 13.29 -0.45 14.16
C PRO A 308 13.73 -1.62 15.06
N ASN A 309 14.84 -1.49 15.82
CA ASN A 309 15.39 -2.61 16.62
C ASN A 309 14.61 -2.83 17.92
N LEU A 310 13.61 -1.99 18.25
CA LEU A 310 12.72 -2.25 19.41
C LEU A 310 11.35 -2.80 18.99
N PHE A 311 11.17 -3.28 17.75
CA PHE A 311 9.82 -3.69 17.25
C PHE A 311 9.11 -4.66 18.21
N PRO A 312 9.80 -5.63 18.87
CA PRO A 312 9.09 -6.65 19.67
C PRO A 312 8.21 -6.10 20.82
N THR A 313 8.55 -4.90 21.33
CA THR A 313 7.80 -4.22 22.41
C THR A 313 6.88 -3.13 21.86
N ALA A 314 6.88 -2.86 20.53
CA ALA A 314 5.99 -1.81 19.98
C ALA A 314 4.53 -2.09 20.33
N PRO A 315 4.02 -3.34 20.39
CA PRO A 315 2.61 -3.52 20.74
C PRO A 315 2.21 -2.92 22.10
N VAL A 316 3.16 -2.82 23.02
CA VAL A 316 2.89 -2.24 24.37
C VAL A 316 2.47 -0.77 24.18
N GLY A 317 3.19 -0.02 23.34
CA GLY A 317 2.87 1.37 23.03
C GLY A 317 1.54 1.49 22.34
N ALA A 318 1.28 0.59 21.40
CA ALA A 318 0.05 0.65 20.57
C ALA A 318 -1.16 0.41 21.47
N VAL A 319 -1.09 -0.60 22.31
CA VAL A 319 -2.21 -0.92 23.21
C VAL A 319 -2.39 0.19 24.25
N LYS A 320 -1.32 0.79 24.78
CA LYS A 320 -1.49 1.88 25.79
C LYS A 320 -2.13 3.09 25.12
N ARG A 321 -1.69 3.40 23.90
CA ARG A 321 -2.27 4.51 23.11
C ARG A 321 -3.73 4.19 22.78
N LEU A 322 -4.06 2.92 22.52
CA LEU A 322 -5.46 2.49 22.27
C LEU A 322 -6.33 2.72 23.52
N MET A 323 -5.86 2.41 24.72
CA MET A 323 -6.70 2.68 25.93
C MET A 323 -6.94 4.20 26.08
N GLN A 324 -5.96 5.05 25.79
CA GLN A 324 -6.18 6.54 25.86
C GLN A 324 -7.26 6.93 24.85
N ARG A 325 -7.19 6.47 23.61
CA ARG A 325 -8.13 6.98 22.58
C ARG A 325 -9.52 6.41 22.85
N THR A 326 -9.66 5.19 23.35
CA THR A 326 -11.00 4.56 23.50
C THR A 326 -11.60 4.95 24.84
N GLY A 327 -10.75 5.31 25.82
CA GLY A 327 -11.26 5.50 27.18
C GLY A 327 -11.38 4.17 27.92
N TRP A 328 -11.02 3.05 27.30
CA TRP A 328 -10.96 1.72 27.97
C TRP A 328 -9.81 1.67 29.01
N SER A 329 -9.84 0.67 29.91
CA SER A 329 -8.65 0.24 30.68
C SER A 329 -8.36 -1.24 30.35
N LEU A 330 -7.12 -1.66 30.58
CA LEU A 330 -6.68 -3.04 30.27
C LEU A 330 -7.59 -4.05 30.98
N GLY A 331 -7.93 -3.81 32.24
CA GLY A 331 -8.78 -4.71 33.05
C GLY A 331 -10.17 -4.88 32.46
N GLU A 332 -10.69 -3.96 31.65
CA GLU A 332 -12.03 -4.11 31.04
C GLU A 332 -11.96 -4.98 29.77
N VAL A 333 -10.76 -5.29 29.26
CA VAL A 333 -10.64 -6.09 28.01
C VAL A 333 -10.86 -7.58 28.36
N ASP A 334 -11.72 -8.32 27.66
CA ASP A 334 -11.95 -9.79 27.89
C ASP A 334 -10.86 -10.62 27.22
N LEU A 335 -10.53 -10.33 25.97
CA LEU A 335 -9.53 -11.13 25.22
C LEU A 335 -8.59 -10.19 24.50
N PHE A 336 -7.37 -10.63 24.40
CA PHE A 336 -6.29 -10.00 23.63
C PHE A 336 -5.84 -10.99 22.55
N GLU A 337 -5.56 -10.45 21.36
CA GLU A 337 -4.67 -11.08 20.36
C GLU A 337 -3.46 -10.21 20.18
N VAL A 338 -2.30 -10.76 20.53
CA VAL A 338 -1.02 -10.11 20.19
C VAL A 338 -0.28 -11.05 19.25
N ASN A 339 -0.01 -10.59 18.03
CA ASN A 339 0.54 -11.52 17.01
C ASN A 339 1.88 -12.10 17.53
N GLU A 340 2.06 -13.41 17.45
CA GLU A 340 3.20 -14.13 18.05
C GLU A 340 4.34 -14.17 17.05
N ALA A 341 4.77 -13.01 16.55
CA ALA A 341 5.91 -13.00 15.63
C ALA A 341 7.07 -13.80 16.26
N PHE A 342 7.27 -13.62 17.56
CA PHE A 342 8.15 -14.42 18.46
C PHE A 342 7.42 -14.55 19.79
N ALA A 343 7.67 -15.60 20.56
CA ALA A 343 7.07 -15.78 21.91
C ALA A 343 7.37 -14.55 22.76
N VAL A 344 8.56 -13.98 22.61
CA VAL A 344 8.98 -12.79 23.41
C VAL A 344 8.00 -11.65 23.15
N VAL A 345 7.38 -11.54 21.97
CA VAL A 345 6.43 -10.41 21.69
C VAL A 345 5.23 -10.59 22.62
N GLY A 346 4.70 -11.81 22.72
CA GLY A 346 3.58 -12.10 23.63
C GLY A 346 3.98 -11.88 25.09
N MET A 347 5.17 -12.34 25.46
CA MET A 347 5.67 -12.32 26.86
C MET A 347 5.94 -10.87 27.25
N ALA A 348 6.51 -10.04 26.39
CA ALA A 348 6.70 -8.60 26.70
C ALA A 348 5.33 -7.98 26.97
N ALA A 349 4.33 -8.32 26.14
CA ALA A 349 2.99 -7.72 26.26
C ALA A 349 2.37 -8.15 27.60
N MET A 350 2.47 -9.43 27.92
CA MET A 350 1.96 -9.98 29.22
C MET A 350 2.63 -9.25 30.39
N ARG A 351 3.96 -9.10 30.38
CA ARG A 351 4.60 -8.38 31.51
C ARG A 351 4.13 -6.91 31.54
N ASP A 352 4.26 -6.16 30.44
CA ASP A 352 4.19 -4.67 30.50
C ASP A 352 2.73 -4.23 30.53
N LEU A 353 1.80 -5.09 30.12
CA LEU A 353 0.36 -4.77 30.15
C LEU A 353 -0.33 -5.57 31.26
N ASP A 354 0.44 -6.35 32.01
CA ASP A 354 -0.07 -7.13 33.17
C ASP A 354 -1.25 -7.99 32.73
N LEU A 355 -1.04 -8.82 31.72
CA LEU A 355 -2.13 -9.61 31.09
C LEU A 355 -1.95 -11.04 31.54
N SER A 356 -3.03 -11.69 31.90
CA SER A 356 -3.01 -13.15 32.17
C SER A 356 -2.80 -13.84 30.81
N HIS A 357 -1.94 -14.84 30.77
CA HIS A 357 -1.83 -15.82 29.66
C HIS A 357 -3.20 -16.40 29.28
N GLU A 358 -4.15 -16.48 30.20
CA GLU A 358 -5.47 -17.09 29.98
C GLU A 358 -6.34 -16.18 29.11
N ARG A 359 -5.96 -14.91 28.93
CA ARG A 359 -6.78 -13.91 28.16
C ARG A 359 -6.07 -13.55 26.86
N LEU A 360 -4.93 -14.17 26.59
CA LEU A 360 -4.05 -13.81 25.46
C LEU A 360 -3.96 -14.97 24.47
N ASN A 361 -4.27 -14.72 23.20
CA ASN A 361 -4.05 -15.71 22.13
C ASN A 361 -4.61 -17.08 22.58
N VAL A 362 -5.87 -17.14 23.02
CA VAL A 362 -6.48 -18.30 23.73
C VAL A 362 -6.68 -19.49 22.79
N HIS A 363 -6.64 -19.31 21.47
CA HIS A 363 -6.73 -20.46 20.53
C HIS A 363 -5.37 -20.70 19.89
N GLY A 364 -4.31 -20.18 20.49
CA GLY A 364 -2.98 -20.22 19.86
C GLY A 364 -2.81 -19.02 18.93
N GLY A 365 -1.60 -18.85 18.41
CA GLY A 365 -1.17 -17.72 17.60
C GLY A 365 -0.07 -18.16 16.65
N ALA A 366 0.65 -17.19 16.08
CA ALA A 366 1.51 -17.40 14.91
C ALA A 366 2.62 -18.44 15.22
N CYS A 367 2.96 -18.66 16.48
CA CYS A 367 4.03 -19.63 16.87
C CYS A 367 3.58 -21.04 16.47
N ALA A 368 2.29 -21.31 16.53
CA ALA A 368 1.67 -22.58 16.10
C ALA A 368 1.19 -22.48 14.64
N LEU A 369 0.58 -21.34 14.22
CA LEU A 369 -0.27 -21.26 12.99
C LEU A 369 0.57 -20.81 11.80
N GLY A 370 1.54 -19.94 12.05
CA GLY A 370 2.26 -19.25 10.98
C GLY A 370 1.89 -17.77 10.92
N HIS A 371 2.64 -17.07 10.11
CA HIS A 371 2.71 -15.60 10.03
C HIS A 371 2.81 -15.26 8.56
N PRO A 372 1.69 -15.32 7.80
CA PRO A 372 1.68 -14.80 6.43
C PRO A 372 1.63 -13.26 6.56
N ILE A 373 2.78 -12.61 6.36
CA ILE A 373 3.05 -11.27 6.98
C ILE A 373 1.95 -10.27 6.60
N GLY A 374 1.53 -10.14 5.35
CA GLY A 374 0.53 -9.14 4.93
C GLY A 374 -0.89 -9.45 5.42
N ALA A 375 -1.14 -10.67 5.91
CA ALA A 375 -2.48 -11.13 6.32
C ALA A 375 -2.69 -11.12 7.84
N SER A 376 -1.63 -11.36 8.61
CA SER A 376 -1.70 -11.62 10.08
C SER A 376 -2.43 -10.50 10.83
N GLY A 377 -2.22 -9.24 10.45
CA GLY A 377 -2.86 -8.13 11.18
C GLY A 377 -4.38 -8.17 11.03
N ALA A 378 -4.88 -8.77 9.95
CA ALA A 378 -6.34 -9.00 9.77
C ALA A 378 -6.73 -10.37 10.32
N ARG A 379 -5.93 -11.39 10.03
CA ARG A 379 -6.15 -12.78 10.55
C ARG A 379 -6.42 -12.78 12.07
N ILE A 380 -5.62 -12.07 12.88
CA ILE A 380 -5.81 -12.09 14.35
C ILE A 380 -7.12 -11.41 14.67
N VAL A 381 -7.61 -10.48 13.85
CA VAL A 381 -8.92 -9.85 14.19
C VAL A 381 -10.04 -10.87 13.96
N VAL A 382 -9.92 -11.64 12.90
CA VAL A 382 -10.90 -12.70 12.57
C VAL A 382 -10.94 -13.68 13.75
N THR A 383 -9.80 -14.22 14.20
CA THR A 383 -9.68 -15.17 15.34
C THR A 383 -10.24 -14.56 16.62
N LEU A 384 -9.90 -13.31 16.90
CA LEU A 384 -10.43 -12.57 18.08
C LEU A 384 -11.95 -12.53 18.04
N LEU A 385 -12.58 -12.15 16.92
CA LEU A 385 -14.06 -12.03 16.83
C LEU A 385 -14.74 -13.38 17.12
N ASN A 386 -14.21 -14.45 16.55
CA ASN A 386 -14.79 -15.80 16.71
C ASN A 386 -14.67 -16.26 18.18
N ALA A 387 -13.49 -16.04 18.78
CA ALA A 387 -13.24 -16.36 20.20
C ALA A 387 -14.20 -15.59 21.09
N LEU A 388 -14.36 -14.28 20.87
CA LEU A 388 -15.29 -13.47 21.70
C LEU A 388 -16.70 -14.06 21.61
N GLN A 389 -17.11 -14.47 20.41
CA GLN A 389 -18.44 -15.06 20.22
C GLN A 389 -18.51 -16.38 21.02
N GLN A 390 -17.51 -17.23 20.93
CA GLN A 390 -17.63 -18.61 21.46
C GLN A 390 -17.80 -18.56 22.99
N TYR A 391 -17.10 -17.65 23.66
CA TYR A 391 -17.11 -17.47 25.14
C TYR A 391 -18.13 -16.40 25.54
N ASP A 392 -18.93 -15.88 24.62
CA ASP A 392 -19.93 -14.83 24.91
C ASP A 392 -19.29 -13.70 25.74
N LEU A 393 -18.16 -13.15 25.27
CA LEU A 393 -17.43 -12.03 25.93
C LEU A 393 -17.69 -10.75 25.12
N GLU A 394 -17.40 -9.56 25.67
CA GLU A 394 -17.76 -8.28 25.03
C GLU A 394 -16.56 -7.64 24.30
N ARG A 395 -15.36 -7.62 24.89
CA ARG A 395 -14.37 -6.58 24.49
C ARG A 395 -13.08 -7.28 24.17
N GLY A 396 -12.53 -6.95 23.01
CA GLY A 396 -11.28 -7.53 22.50
C GLY A 396 -10.31 -6.45 22.05
N VAL A 397 -9.01 -6.76 22.15
CA VAL A 397 -7.94 -5.93 21.58
C VAL A 397 -7.05 -6.82 20.75
N ALA A 398 -6.76 -6.39 19.54
CA ALA A 398 -5.77 -7.04 18.66
C ALA A 398 -4.66 -6.04 18.45
N ALA A 399 -3.43 -6.51 18.52
CA ALA A 399 -2.21 -5.71 18.36
C ALA A 399 -1.19 -6.53 17.59
N VAL A 400 -0.44 -5.89 16.72
CA VAL A 400 0.57 -6.57 15.90
C VAL A 400 1.82 -5.69 15.86
N CYS A 401 2.98 -6.31 16.05
CA CYS A 401 4.30 -5.66 15.91
C CYS A 401 4.67 -5.69 14.42
N ILE A 402 5.54 -4.79 14.00
CA ILE A 402 5.73 -4.47 12.58
C ILE A 402 7.21 -4.16 12.30
N GLY A 403 7.76 -4.81 11.27
CA GLY A 403 9.10 -4.49 10.77
C GLY A 403 9.25 -3.00 10.51
N GLY A 404 10.34 -2.40 10.99
CA GLY A 404 10.53 -0.94 10.92
C GLY A 404 10.28 -0.27 12.25
N GLY A 405 9.79 -1.01 13.24
CA GLY A 405 9.68 -0.58 14.62
C GLY A 405 8.28 -0.12 15.01
N GLU A 406 7.23 -0.66 14.41
CA GLU A 406 5.89 -0.10 14.56
C GLU A 406 4.96 -1.12 15.17
N ALA A 407 3.76 -0.66 15.47
CA ALA A 407 2.67 -1.54 15.91
C ALA A 407 1.37 -0.80 15.70
N THR A 408 0.31 -1.59 15.50
CA THR A 408 -1.07 -1.09 15.43
C THR A 408 -1.86 -1.94 16.40
N ALA A 409 -2.92 -1.40 16.89
CA ALA A 409 -3.89 -2.12 17.74
C ALA A 409 -5.29 -1.60 17.42
N ILE A 410 -6.28 -2.45 17.62
CA ILE A 410 -7.70 -2.14 17.34
C ILE A 410 -8.53 -2.71 18.49
N ALA A 411 -9.61 -2.03 18.82
CA ALA A 411 -10.54 -2.39 19.91
C ALA A 411 -11.88 -2.74 19.25
N VAL A 412 -12.42 -3.90 19.59
CA VAL A 412 -13.73 -4.36 19.09
C VAL A 412 -14.61 -4.72 20.28
N GLU A 413 -15.90 -4.44 20.15
CA GLU A 413 -16.90 -4.68 21.22
C GLU A 413 -18.14 -5.35 20.62
N ARG A 414 -18.52 -6.52 21.13
CA ARG A 414 -19.79 -7.20 20.74
C ARG A 414 -20.95 -6.52 21.47
N LEU A 415 -22.06 -6.34 20.76
CA LEU A 415 -23.29 -5.59 21.16
C LEU A 415 -24.39 -6.61 21.51
N GLU B 24 -17.34 25.65 9.22
CA GLU B 24 -16.59 24.94 8.13
C GLU B 24 -15.12 24.72 8.53
N ASP B 25 -14.69 23.46 8.64
CA ASP B 25 -13.28 23.12 8.99
C ASP B 25 -12.73 22.10 8.00
N PRO B 26 -12.56 22.45 6.71
CA PRO B 26 -12.07 21.47 5.73
C PRO B 26 -10.61 21.09 6.01
N ILE B 27 -10.19 19.98 5.41
CA ILE B 27 -8.77 19.59 5.32
C ILE B 27 -8.09 20.53 4.33
N VAL B 28 -6.91 21.01 4.69
CA VAL B 28 -6.14 21.91 3.80
C VAL B 28 -4.77 21.32 3.58
N ILE B 29 -4.22 21.64 2.42
CA ILE B 29 -2.81 21.34 2.10
C ILE B 29 -2.03 22.60 2.52
N VAL B 30 -1.06 22.45 3.40
CA VAL B 30 -0.27 23.60 3.93
C VAL B 30 1.07 23.60 3.22
N SER B 31 1.44 22.50 2.56
CA SER B 31 2.73 22.43 1.83
C SER B 31 2.71 21.34 0.75
N ALA B 32 3.52 21.52 -0.29
CA ALA B 32 3.50 20.65 -1.48
C ALA B 32 4.80 20.84 -2.22
N VAL B 33 5.48 19.75 -2.57
CA VAL B 33 6.78 19.84 -3.26
C VAL B 33 7.03 18.53 -4.00
N ARG B 34 7.88 18.59 -5.00
CA ARG B 34 8.30 17.39 -5.77
C ARG B 34 9.80 17.48 -6.01
N THR B 35 10.42 16.34 -6.28
CA THR B 35 11.77 16.29 -6.85
C THR B 35 11.65 16.66 -8.32
N PRO B 36 12.76 17.05 -8.97
CA PRO B 36 12.80 17.00 -10.43
C PRO B 36 12.41 15.58 -10.85
N MET B 37 11.92 15.48 -12.07
CA MET B 37 11.64 14.19 -12.69
C MET B 37 12.78 13.83 -13.65
N GLY B 38 13.51 12.79 -13.27
CA GLY B 38 14.63 12.20 -14.00
C GLY B 38 14.13 11.26 -15.08
N GLY B 39 14.95 11.08 -16.12
CA GLY B 39 14.69 10.10 -17.16
C GLY B 39 15.16 8.75 -16.73
N PHE B 40 14.65 7.72 -17.35
CA PHE B 40 15.04 6.33 -17.10
C PHE B 40 16.55 6.18 -17.29
N LEU B 41 17.24 5.57 -16.33
CA LEU B 41 18.72 5.41 -16.28
C LEU B 41 19.39 6.76 -16.48
N GLY B 42 18.73 7.85 -16.07
CA GLY B 42 19.24 9.23 -16.23
C GLY B 42 19.78 9.79 -14.93
N ASP B 43 19.43 11.03 -14.62
CA ASP B 43 19.86 11.83 -13.44
C ASP B 43 19.84 10.98 -12.15
N PHE B 44 18.79 10.19 -11.90
CA PHE B 44 18.58 9.50 -10.60
C PHE B 44 18.85 8.00 -10.76
N LYS B 45 19.63 7.65 -11.78
CA LYS B 45 20.00 6.24 -12.08
C LYS B 45 20.41 5.53 -10.78
N ASP B 46 21.22 6.16 -9.93
CA ASP B 46 21.82 5.51 -8.73
C ASP B 46 21.17 6.06 -7.46
N VAL B 47 19.96 6.59 -7.55
CA VAL B 47 19.20 7.10 -6.39
C VAL B 47 17.99 6.20 -6.20
N ASN B 48 17.91 5.54 -5.05
CA ASN B 48 16.76 4.64 -4.79
C ASN B 48 15.52 5.50 -4.49
N ALA B 49 14.35 4.87 -4.55
CA ALA B 49 13.03 5.52 -4.36
C ALA B 49 12.99 6.22 -2.98
N ALA B 50 13.54 5.61 -1.92
CA ALA B 50 13.40 6.13 -0.53
C ALA B 50 14.22 7.41 -0.38
N THR B 51 15.28 7.56 -1.19
CA THR B 51 16.11 8.81 -1.17
C THR B 51 15.33 9.92 -1.89
N LEU B 52 14.70 9.61 -3.03
CA LEU B 52 13.81 10.60 -3.70
C LEU B 52 12.68 10.96 -2.72
N GLY B 53 12.07 9.95 -2.09
CA GLY B 53 10.99 10.22 -1.12
C GLY B 53 11.46 11.10 0.04
N ALA B 54 12.63 10.76 0.58
CA ALA B 54 13.26 11.49 1.71
C ALA B 54 13.42 12.96 1.33
N ALA B 55 13.86 13.25 0.11
CA ALA B 55 14.07 14.65 -0.32
C ALA B 55 12.73 15.38 -0.31
N ALA B 56 11.68 14.77 -0.87
CA ALA B 56 10.37 15.43 -0.96
C ALA B 56 9.79 15.57 0.45
N VAL B 57 9.95 14.53 1.28
CA VAL B 57 9.32 14.52 2.62
C VAL B 57 9.93 15.63 3.47
N ARG B 58 11.26 15.69 3.49
CA ARG B 58 12.03 16.69 4.24
C ARG B 58 11.53 18.07 3.86
N ALA B 59 11.48 18.34 2.57
CA ALA B 59 11.12 19.68 2.05
C ALA B 59 9.69 20.02 2.46
N ALA B 60 8.75 19.06 2.31
CA ALA B 60 7.32 19.30 2.61
C ALA B 60 7.17 19.69 4.08
N VAL B 61 7.88 18.98 4.96
CA VAL B 61 7.81 19.24 6.43
C VAL B 61 8.48 20.60 6.73
N GLU B 62 9.64 20.93 6.12
CA GLU B 62 10.30 22.25 6.35
C GLU B 62 9.39 23.36 5.83
N ARG B 63 8.75 23.17 4.68
CA ARG B 63 7.88 24.21 4.11
C ARG B 63 6.64 24.41 4.95
N ALA B 64 6.19 23.38 5.68
CA ALA B 64 5.03 23.46 6.59
C ALA B 64 5.45 24.09 7.94
N ARG B 65 6.76 24.28 8.17
CA ARG B 65 7.37 24.93 9.37
C ARG B 65 7.07 24.03 10.55
N LEU B 66 7.19 22.73 10.34
CA LEU B 66 6.97 21.72 11.40
C LEU B 66 8.30 21.20 11.90
N GLN B 67 8.34 20.78 13.16
CA GLN B 67 9.46 20.02 13.74
C GLN B 67 9.38 18.59 13.20
N ALA B 68 10.48 17.88 13.34
CA ALA B 68 10.72 16.54 12.79
C ALA B 68 9.78 15.49 13.41
N ASP B 69 9.09 15.82 14.49
CA ASP B 69 8.30 14.83 15.25
C ASP B 69 6.81 15.19 15.14
N GLU B 70 6.39 16.08 14.24
CA GLU B 70 4.99 16.61 14.25
C GLU B 70 4.07 15.89 13.24
N VAL B 71 4.56 14.88 12.50
CA VAL B 71 3.74 14.16 11.50
C VAL B 71 3.23 12.92 12.22
N ASP B 72 1.93 12.74 12.36
CA ASP B 72 1.45 11.53 13.08
C ASP B 72 0.84 10.52 12.11
N GLU B 73 0.90 10.72 10.80
CA GLU B 73 0.49 9.71 9.81
C GLU B 73 1.25 10.02 8.51
N ALA B 74 1.93 9.03 7.95
CA ALA B 74 2.66 9.21 6.68
C ALA B 74 2.30 8.04 5.76
N VAL B 75 1.79 8.38 4.57
CA VAL B 75 1.37 7.42 3.53
C VAL B 75 2.04 7.84 2.24
N LEU B 76 2.87 6.97 1.67
CA LEU B 76 3.60 7.29 0.41
C LEU B 76 3.24 6.22 -0.61
N GLY B 77 2.83 6.68 -1.78
CA GLY B 77 2.62 5.81 -2.94
C GLY B 77 3.93 5.25 -3.44
N CYS B 78 3.92 4.00 -3.91
CA CYS B 78 5.07 3.36 -4.58
C CYS B 78 4.57 2.04 -5.15
N VAL B 79 4.78 1.82 -6.44
CA VAL B 79 4.29 0.61 -7.13
C VAL B 79 5.35 -0.48 -7.10
N LEU B 80 6.60 -0.12 -7.36
CA LEU B 80 7.68 -1.12 -7.64
C LEU B 80 8.61 -1.14 -6.44
N ALA B 81 8.20 -1.88 -5.43
CA ALA B 81 8.89 -1.94 -4.10
C ALA B 81 9.94 -3.07 -4.06
N ALA B 82 10.05 -3.89 -5.09
CA ALA B 82 10.98 -5.03 -5.10
C ALA B 82 12.42 -4.52 -4.92
N GLY B 83 13.14 -5.20 -4.04
CA GLY B 83 14.56 -4.97 -3.77
C GLY B 83 14.81 -3.71 -2.97
N GLN B 84 13.80 -2.95 -2.51
CA GLN B 84 14.07 -1.68 -1.76
C GLN B 84 14.37 -1.98 -0.26
N GLY B 85 14.10 -3.18 0.23
CA GLY B 85 14.12 -3.54 1.65
C GLY B 85 12.75 -3.26 2.31
N GLN B 86 12.66 -3.52 3.60
CA GLN B 86 11.42 -3.41 4.40
C GLN B 86 10.94 -1.95 4.33
N ALA B 87 9.65 -1.81 4.03
CA ALA B 87 8.86 -0.57 4.30
C ALA B 87 9.49 0.63 3.64
N PRO B 88 9.41 0.73 2.30
CA PRO B 88 9.97 1.86 1.60
C PRO B 88 9.55 3.21 2.21
N ALA B 89 8.26 3.39 2.48
CA ALA B 89 7.77 4.67 3.05
C ALA B 89 8.46 4.95 4.39
N ARG B 90 8.65 3.96 5.25
CA ARG B 90 9.41 4.10 6.53
C ARG B 90 10.85 4.53 6.22
N GLN B 91 11.50 3.90 5.23
CA GLN B 91 12.89 4.30 4.86
C GLN B 91 12.87 5.77 4.45
N ALA B 92 11.86 6.22 3.72
CA ALA B 92 11.84 7.59 3.17
C ALA B 92 11.64 8.59 4.30
N VAL B 93 10.68 8.30 5.18
CA VAL B 93 10.33 9.19 6.33
C VAL B 93 11.53 9.30 7.29
N LEU B 94 12.16 8.18 7.67
CA LEU B 94 13.30 8.23 8.63
C LEU B 94 14.52 8.83 7.91
N GLY B 95 14.67 8.56 6.62
CA GLY B 95 15.78 9.12 5.83
C GLY B 95 15.61 10.62 5.69
N ALA B 96 14.37 11.11 5.71
CA ALA B 96 14.07 12.54 5.69
C ALA B 96 14.47 13.22 7.01
N GLY B 97 14.72 12.47 8.07
CA GLY B 97 15.04 13.04 9.40
C GLY B 97 13.79 13.11 10.29
N LEU B 98 12.65 12.53 9.91
CA LEU B 98 11.46 12.60 10.79
C LEU B 98 11.65 11.60 11.92
N ALA B 99 10.99 11.86 13.03
CA ALA B 99 11.15 11.10 14.27
C ALA B 99 10.67 9.67 14.04
N ARG B 100 11.28 8.79 14.80
CA ARG B 100 10.98 7.33 14.85
C ARG B 100 9.52 7.06 15.15
N GLY B 101 8.87 7.98 15.84
CA GLY B 101 7.46 7.87 16.24
C GLY B 101 6.51 8.06 15.08
N THR B 102 6.98 8.46 13.89
CA THR B 102 6.08 8.75 12.73
C THR B 102 5.53 7.45 12.13
N PRO B 103 4.19 7.16 12.20
CA PRO B 103 3.64 5.96 11.52
C PRO B 103 3.70 6.09 9.98
N CYS B 104 4.17 5.03 9.34
CA CYS B 104 4.44 4.98 7.89
C CYS B 104 3.73 3.80 7.26
N SER B 105 3.24 4.01 6.05
CA SER B 105 2.66 2.97 5.17
C SER B 105 3.13 3.23 3.76
N THR B 106 3.32 2.15 2.99
CA THR B 106 3.61 2.17 1.53
C THR B 106 2.35 1.70 0.79
N LEU B 107 1.86 2.53 -0.14
CA LEU B 107 0.56 2.35 -0.81
C LEU B 107 0.74 2.08 -2.29
N ASN B 108 0.14 1.00 -2.78
CA ASN B 108 0.07 0.66 -4.23
C ASN B 108 -1.39 0.73 -4.71
N LYS B 109 -1.75 1.84 -5.36
CA LYS B 109 -2.92 1.94 -6.28
C LYS B 109 -2.37 2.31 -7.65
N MET B 110 -1.41 1.51 -8.11
CA MET B 110 -0.76 1.68 -9.44
C MET B 110 -0.50 3.17 -9.68
N CYS B 111 -0.87 3.69 -10.86
CA CYS B 111 -0.53 5.02 -11.39
C CYS B 111 -1.18 6.09 -10.50
N GLY B 112 -2.16 5.69 -9.71
CA GLY B 112 -2.93 6.62 -8.86
C GLY B 112 -2.43 6.64 -7.42
N SER B 113 -1.35 5.92 -7.14
CA SER B 113 -0.86 5.68 -5.75
C SER B 113 -0.70 7.05 -5.04
N GLY B 114 -0.09 8.01 -5.70
CA GLY B 114 0.27 9.29 -5.07
C GLY B 114 -0.96 10.10 -4.72
N MET B 115 -2.03 9.99 -5.50
CA MET B 115 -3.30 10.70 -5.18
C MET B 115 -4.09 9.90 -4.13
N LYS B 116 -4.17 8.57 -4.26
CA LYS B 116 -4.88 7.75 -3.24
C LYS B 116 -4.22 7.98 -1.87
N ALA B 117 -2.90 8.22 -1.83
CA ALA B 117 -2.26 8.59 -0.54
C ALA B 117 -2.91 9.87 0.04
N LEU B 118 -3.10 10.87 -0.81
CA LEU B 118 -3.72 12.16 -0.40
C LEU B 118 -5.12 11.88 0.16
N MET B 119 -5.88 11.05 -0.56
CA MET B 119 -7.29 10.73 -0.24
C MET B 119 -7.40 9.97 1.10
N LEU B 120 -6.51 9.00 1.37
CA LEU B 120 -6.51 8.24 2.64
C LEU B 120 -6.07 9.19 3.76
N ALA B 121 -5.03 9.98 3.52
CA ALA B 121 -4.56 10.94 4.54
C ALA B 121 -5.69 11.91 4.90
N HIS B 122 -6.40 12.41 3.87
CA HIS B 122 -7.56 13.33 4.02
C HIS B 122 -8.61 12.69 4.94
N ASP B 123 -9.01 11.45 4.66
CA ASP B 123 -10.04 10.72 5.44
C ASP B 123 -9.57 10.41 6.87
N THR B 124 -8.30 10.09 7.05
CA THR B 124 -7.68 9.78 8.35
C THR B 124 -7.78 11.04 9.22
N LEU B 125 -7.49 12.19 8.64
CA LEU B 125 -7.63 13.48 9.35
C LEU B 125 -9.11 13.70 9.67
N LEU B 126 -10.02 13.54 8.72
CA LEU B 126 -11.45 13.85 9.00
C LEU B 126 -11.96 12.92 10.10
N ALA B 127 -11.57 11.65 10.08
CA ALA B 127 -12.05 10.66 11.07
C ALA B 127 -11.48 10.95 12.46
N GLY B 128 -10.47 11.83 12.60
CA GLY B 128 -9.84 12.16 13.88
C GLY B 128 -8.75 11.16 14.25
N SER B 129 -8.28 10.32 13.35
CA SER B 129 -7.17 9.38 13.69
C SER B 129 -5.81 10.08 13.71
N ALA B 130 -5.66 11.25 13.11
CA ALA B 130 -4.37 11.98 13.02
C ALA B 130 -4.71 13.48 13.03
N GLY B 131 -3.76 14.32 13.39
CA GLY B 131 -3.87 15.79 13.38
C GLY B 131 -3.00 16.40 12.28
N VAL B 132 -1.90 15.74 11.92
CA VAL B 132 -0.99 16.22 10.85
C VAL B 132 -0.55 15.01 10.02
N ALA B 133 -0.87 15.02 8.73
CA ALA B 133 -0.58 13.88 7.83
C ALA B 133 0.33 14.34 6.68
N LEU B 134 1.23 13.43 6.31
CA LEU B 134 2.13 13.54 5.13
C LEU B 134 1.64 12.51 4.14
N ALA B 135 1.34 12.97 2.94
CA ALA B 135 0.96 12.10 1.81
C ALA B 135 1.85 12.42 0.61
N GLY B 136 2.00 11.45 -0.27
CA GLY B 136 2.75 11.64 -1.51
C GLY B 136 3.03 10.32 -2.16
N GLY B 137 4.06 10.27 -3.00
CA GLY B 137 4.51 9.02 -3.60
C GLY B 137 5.91 9.19 -4.14
N MET B 138 6.47 8.09 -4.58
CA MET B 138 7.89 8.06 -4.98
C MET B 138 8.03 6.83 -5.88
N GLU B 139 8.88 6.91 -6.88
CA GLU B 139 9.18 5.75 -7.75
C GLU B 139 10.60 5.86 -8.28
N SER B 140 11.40 4.81 -8.12
CA SER B 140 12.64 4.67 -8.92
C SER B 140 12.42 3.59 -9.96
N MET B 141 11.96 4.00 -11.14
CA MET B 141 11.81 3.05 -12.26
C MET B 141 13.21 2.53 -12.67
N SER B 142 14.25 3.38 -12.65
CA SER B 142 15.66 2.92 -12.90
C SER B 142 16.08 1.75 -12.00
N ASN B 143 15.65 1.69 -10.75
CA ASN B 143 16.16 0.73 -9.74
C ASN B 143 15.18 -0.44 -9.59
N ALA B 144 14.11 -0.48 -10.38
CA ALA B 144 13.27 -1.70 -10.44
C ALA B 144 14.20 -2.84 -10.86
N PRO B 145 14.29 -3.94 -10.11
CA PRO B 145 15.12 -5.07 -10.52
C PRO B 145 14.48 -6.04 -11.53
N TYR B 146 15.18 -7.15 -11.84
CA TYR B 146 14.60 -8.31 -12.56
C TYR B 146 14.17 -9.36 -11.55
N LEU B 147 13.28 -10.28 -11.95
CA LEU B 147 12.62 -11.30 -11.10
C LEU B 147 12.81 -12.67 -11.75
N LEU B 148 12.96 -13.69 -10.93
CA LEU B 148 12.94 -15.08 -11.38
C LEU B 148 11.78 -15.73 -10.66
N GLU B 149 10.71 -16.00 -11.39
CA GLU B 149 9.46 -16.54 -10.82
C GLU B 149 9.68 -17.96 -10.37
N ARG B 150 10.64 -18.67 -10.95
CA ARG B 150 10.73 -20.12 -10.62
C ARG B 150 12.12 -20.43 -10.02
N ALA B 151 12.85 -19.39 -9.61
CA ALA B 151 14.14 -19.62 -8.89
C ALA B 151 13.86 -20.41 -7.60
N ARG B 152 12.71 -20.17 -6.95
CA ARG B 152 12.48 -20.70 -5.60
C ARG B 152 12.37 -22.21 -5.70
N SER B 153 11.42 -22.71 -6.49
CA SER B 153 11.01 -24.14 -6.49
C SER B 153 11.63 -24.88 -7.69
N GLY B 154 12.17 -24.17 -8.68
CA GLY B 154 12.93 -24.76 -9.79
C GLY B 154 12.31 -24.52 -11.18
N TYR B 155 13.14 -24.25 -12.19
CA TYR B 155 12.71 -24.17 -13.61
C TYR B 155 12.53 -25.57 -14.15
N ARG B 156 13.13 -26.62 -13.53
CA ARG B 156 13.04 -28.07 -13.94
C ARG B 156 13.77 -28.35 -15.28
N MET B 157 13.28 -27.83 -16.41
CA MET B 157 13.94 -27.91 -17.73
C MET B 157 13.31 -26.95 -18.74
N GLY B 158 14.09 -26.57 -19.71
CA GLY B 158 13.64 -25.65 -20.76
C GLY B 158 13.85 -24.24 -20.29
N HIS B 159 13.90 -23.34 -21.23
CA HIS B 159 14.14 -21.91 -21.00
C HIS B 159 12.99 -21.34 -20.15
N GLY B 160 13.27 -20.31 -19.38
CA GLY B 160 12.26 -19.48 -18.73
C GLY B 160 12.55 -18.02 -18.97
N LYS B 161 11.97 -17.17 -18.13
CA LYS B 161 12.00 -15.72 -18.31
C LYS B 161 12.70 -15.13 -17.11
N VAL B 162 13.46 -14.10 -17.41
CA VAL B 162 13.98 -13.15 -16.42
C VAL B 162 13.12 -11.89 -16.64
N LEU B 163 12.24 -11.61 -15.67
CA LEU B 163 11.13 -10.62 -15.81
C LEU B 163 11.59 -9.26 -15.30
N ASP B 164 11.42 -8.24 -16.13
CA ASP B 164 11.51 -6.81 -15.76
C ASP B 164 10.34 -6.51 -14.78
N HIS B 165 10.67 -6.24 -13.50
CA HIS B 165 9.73 -5.87 -12.42
C HIS B 165 8.86 -4.70 -12.88
N MET B 166 9.48 -3.67 -13.43
CA MET B 166 8.80 -2.48 -13.96
C MET B 166 7.74 -2.92 -14.98
N PHE B 167 8.05 -3.84 -15.90
CA PHE B 167 7.09 -4.30 -16.93
C PHE B 167 6.01 -5.18 -16.30
N LEU B 168 6.39 -6.24 -15.61
CA LEU B 168 5.40 -7.22 -15.11
C LEU B 168 4.47 -6.60 -14.05
N ASP B 169 5.02 -5.82 -13.11
CA ASP B 169 4.27 -5.37 -11.91
C ASP B 169 3.81 -3.92 -12.09
N GLY B 170 4.33 -3.21 -13.11
CA GLY B 170 4.05 -1.78 -13.37
C GLY B 170 3.25 -1.52 -14.66
N LEU B 171 3.67 -2.08 -15.80
CA LEU B 171 3.22 -1.57 -17.12
C LEU B 171 2.29 -2.53 -17.85
N GLU B 172 2.27 -3.82 -17.51
CA GLU B 172 1.47 -4.86 -18.20
C GLU B 172 0.18 -5.18 -17.44
N ASP B 173 -0.88 -5.42 -18.20
CA ASP B 173 -2.18 -5.86 -17.63
C ASP B 173 -1.96 -7.26 -17.05
N ALA B 174 -2.69 -7.54 -15.98
CA ALA B 174 -2.61 -8.77 -15.21
C ALA B 174 -3.59 -9.83 -15.77
N TYR B 175 -4.60 -9.43 -16.55
CA TYR B 175 -5.68 -10.34 -17.03
C TYR B 175 -5.35 -10.79 -18.48
N ASP B 176 -5.12 -9.85 -19.40
CA ASP B 176 -4.53 -10.05 -20.74
C ASP B 176 -3.00 -10.05 -20.57
N LYS B 177 -2.44 -11.20 -20.18
CA LYS B 177 -1.07 -11.25 -19.59
C LYS B 177 -0.05 -10.81 -20.63
N GLY B 178 0.88 -9.94 -20.25
CA GLY B 178 1.92 -9.44 -21.17
C GLY B 178 1.45 -8.23 -21.93
N ARG B 179 0.17 -7.87 -21.90
CA ARG B 179 -0.38 -6.78 -22.75
C ARG B 179 0.01 -5.44 -22.12
N LEU B 180 0.84 -4.64 -22.78
CA LEU B 180 1.20 -3.29 -22.30
C LEU B 180 -0.02 -2.35 -22.31
N MET B 181 0.02 -1.35 -21.44
CA MET B 181 -1.13 -0.45 -21.25
C MET B 181 -1.33 0.39 -22.52
N GLY B 182 -0.25 0.68 -23.25
CA GLY B 182 -0.28 1.34 -24.57
C GLY B 182 -1.23 0.68 -25.58
N THR B 183 -1.44 -0.64 -25.53
CA THR B 183 -2.42 -1.32 -26.41
C THR B 183 -3.84 -0.83 -26.13
N PHE B 184 -4.22 -0.63 -24.86
CA PHE B 184 -5.56 -0.12 -24.47
C PHE B 184 -5.68 1.36 -24.85
N ALA B 185 -4.58 2.11 -24.81
CA ALA B 185 -4.55 3.52 -25.31
C ALA B 185 -4.81 3.53 -26.82
N GLU B 186 -4.31 2.53 -27.54
CA GLU B 186 -4.55 2.39 -28.99
C GLU B 186 -6.06 2.09 -29.19
N ASP B 187 -6.64 1.18 -28.41
CA ASP B 187 -8.09 0.87 -28.50
C ASP B 187 -8.86 2.17 -28.32
N CYS B 188 -8.39 3.03 -27.42
CA CYS B 188 -9.02 4.33 -27.14
C CYS B 188 -8.85 5.26 -28.36
N ALA B 189 -7.65 5.35 -28.95
CA ALA B 189 -7.42 6.11 -30.22
C ALA B 189 -8.45 5.67 -31.28
N GLU B 190 -8.56 4.36 -31.51
CA GLU B 190 -9.50 3.76 -32.50
C GLU B 190 -10.93 4.12 -32.11
N ALA B 191 -11.36 3.94 -30.85
CA ALA B 191 -12.77 4.19 -30.47
C ALA B 191 -13.08 5.68 -30.60
N TYR B 192 -12.11 6.58 -30.44
CA TYR B 192 -12.38 8.04 -30.36
C TYR B 192 -12.03 8.71 -31.68
N GLY B 193 -11.36 8.01 -32.59
CA GLY B 193 -10.87 8.59 -33.83
C GLY B 193 -9.81 9.61 -33.54
N PHE B 194 -8.91 9.32 -32.60
CA PHE B 194 -7.76 10.22 -32.33
C PHE B 194 -6.66 9.85 -33.31
N THR B 195 -6.35 10.76 -34.25
CA THR B 195 -5.37 10.51 -35.33
C THR B 195 -3.97 10.61 -34.73
N ARG B 196 -3.02 9.98 -35.40
CA ARG B 196 -1.59 10.08 -35.07
C ARG B 196 -1.20 11.55 -34.96
N GLU B 197 -1.78 12.41 -35.80
CA GLU B 197 -1.36 13.83 -35.96
C GLU B 197 -1.91 14.62 -34.77
N ALA B 198 -3.15 14.36 -34.40
CA ALA B 198 -3.84 15.03 -33.27
C ALA B 198 -3.14 14.62 -31.95
N GLN B 199 -2.72 13.35 -31.82
CA GLN B 199 -1.99 12.85 -30.62
C GLN B 199 -0.66 13.60 -30.58
N ASP B 200 0.06 13.61 -31.71
CA ASP B 200 1.40 14.26 -31.82
C ASP B 200 1.29 15.76 -31.50
N GLU B 201 0.20 16.42 -31.88
CA GLU B 201 -0.01 17.86 -31.60
C GLU B 201 -0.22 18.08 -30.09
N PHE B 202 -1.05 17.26 -29.44
CA PHE B 202 -1.24 17.30 -27.97
C PHE B 202 0.14 17.15 -27.28
N ALA B 203 0.93 16.18 -27.71
CA ALA B 203 2.30 15.89 -27.18
C ALA B 203 3.23 17.07 -27.39
N VAL B 204 3.17 17.75 -28.54
CA VAL B 204 4.05 18.91 -28.82
C VAL B 204 3.61 20.08 -27.93
N ALA B 205 2.32 20.30 -27.76
CA ALA B 205 1.81 21.36 -26.85
C ALA B 205 2.31 21.08 -25.42
N SER B 206 2.29 19.81 -24.97
CA SER B 206 2.73 19.41 -23.61
C SER B 206 4.22 19.71 -23.49
N LEU B 207 4.99 19.26 -24.47
CA LEU B 207 6.45 19.50 -24.54
C LEU B 207 6.74 21.01 -24.59
N THR B 208 5.99 21.79 -25.37
CA THR B 208 6.25 23.25 -25.53
C THR B 208 6.02 23.92 -24.18
N ARG B 209 4.84 23.69 -23.60
CA ARG B 209 4.43 24.22 -22.28
C ARG B 209 5.46 23.92 -21.20
N ALA B 210 5.99 22.71 -21.15
CA ALA B 210 6.95 22.31 -20.11
C ALA B 210 8.24 23.11 -20.26
N GLN B 211 8.79 23.19 -21.50
CA GLN B 211 10.04 23.95 -21.85
C GLN B 211 9.90 25.43 -21.49
N GLN B 212 8.75 25.99 -21.81
CA GLN B 212 8.35 27.38 -21.46
C GLN B 212 8.33 27.54 -19.93
N ALA B 213 7.60 26.66 -19.24
CA ALA B 213 7.42 26.69 -17.78
C ALA B 213 8.80 26.68 -17.15
N MET B 214 9.65 25.77 -17.62
CA MET B 214 11.01 25.57 -17.11
C MET B 214 11.81 26.85 -17.33
N ARG B 215 11.75 27.39 -18.55
CA ARG B 215 12.48 28.59 -19.03
C ARG B 215 12.04 29.79 -18.16
N ASP B 216 10.75 29.99 -17.95
CA ASP B 216 10.24 31.12 -17.13
C ASP B 216 10.24 30.79 -15.62
N GLY B 217 10.91 29.74 -15.13
CA GLY B 217 10.96 29.42 -13.68
C GLY B 217 9.60 29.11 -13.03
N ARG B 218 8.62 28.59 -13.76
CA ARG B 218 7.26 28.30 -13.25
C ARG B 218 7.25 26.96 -12.47
N PHE B 219 8.35 26.21 -12.48
CA PHE B 219 8.53 25.00 -11.65
C PHE B 219 9.40 25.28 -10.43
N GLN B 220 10.03 26.44 -10.34
CA GLN B 220 11.08 26.65 -9.30
C GLN B 220 10.43 26.55 -7.93
N ALA B 221 9.27 27.16 -7.76
CA ALA B 221 8.63 27.22 -6.44
C ALA B 221 8.23 25.77 -6.00
N GLU B 222 8.07 24.79 -6.90
CA GLU B 222 7.50 23.44 -6.56
C GLU B 222 8.60 22.37 -6.46
N ILE B 223 9.85 22.69 -6.79
CA ILE B 223 10.92 21.64 -6.88
C ILE B 223 11.87 21.76 -5.68
N VAL B 224 12.24 20.64 -5.08
CA VAL B 224 13.37 20.56 -4.12
C VAL B 224 14.50 19.92 -4.91
N PRO B 225 15.66 20.59 -5.05
CA PRO B 225 16.80 19.97 -5.72
C PRO B 225 17.30 18.75 -4.95
N LEU B 226 17.94 17.79 -5.63
CA LEU B 226 18.85 16.84 -4.96
C LEU B 226 20.30 17.06 -5.44
N THR B 227 21.24 16.68 -4.60
CA THR B 227 22.66 16.50 -4.92
C THR B 227 22.88 15.02 -5.17
N VAL B 228 23.37 14.67 -6.36
CA VAL B 228 23.73 13.26 -6.70
C VAL B 228 25.25 13.17 -6.85
N THR B 229 25.87 12.09 -6.37
CA THR B 229 27.33 11.86 -6.45
C THR B 229 27.61 11.45 -7.90
N ALA B 230 28.46 12.19 -8.63
CA ALA B 230 28.71 12.05 -10.09
C ALA B 230 30.10 11.46 -10.33
N GLY B 231 30.25 10.16 -10.04
CA GLY B 231 31.54 9.43 -10.11
C GLY B 231 32.40 9.73 -8.89
N LYS B 232 33.28 10.74 -8.98
CA LYS B 232 34.12 11.26 -7.86
C LYS B 232 33.55 12.61 -7.39
N THR B 233 32.83 13.30 -8.26
CA THR B 233 32.29 14.66 -7.99
C THR B 233 30.82 14.52 -7.52
N GLU B 234 30.10 15.63 -7.55
CA GLU B 234 28.72 15.79 -7.03
C GLU B 234 28.01 16.82 -7.91
N ARG B 235 26.78 16.53 -8.30
CA ARG B 235 25.97 17.41 -9.17
C ARG B 235 24.71 17.86 -8.43
N LEU B 236 24.33 19.13 -8.61
CA LEU B 236 23.00 19.66 -8.22
C LEU B 236 22.04 19.32 -9.35
N VAL B 237 21.04 18.46 -9.11
CA VAL B 237 19.90 18.23 -10.03
C VAL B 237 18.77 19.08 -9.49
N ASP B 238 18.40 20.15 -10.19
CA ASP B 238 17.36 21.10 -9.74
C ASP B 238 16.32 21.35 -10.82
N SER B 239 16.31 20.59 -11.92
CA SER B 239 15.40 20.88 -13.06
C SER B 239 15.03 19.57 -13.70
N ASP B 240 13.87 19.51 -14.35
CA ASP B 240 13.36 18.27 -14.98
C ASP B 240 14.29 17.87 -16.16
N GLU B 241 14.69 16.60 -16.21
CA GLU B 241 15.68 16.12 -17.21
C GLU B 241 15.12 16.04 -18.64
N GLN B 242 13.82 15.79 -18.82
CA GLN B 242 13.31 15.23 -20.11
C GLN B 242 12.89 16.31 -21.09
N PRO B 243 12.17 17.38 -20.71
CA PRO B 243 11.73 18.38 -21.70
C PRO B 243 12.90 18.96 -22.52
N PRO B 244 14.06 19.34 -21.94
CA PRO B 244 15.18 19.86 -22.72
C PRO B 244 15.81 18.84 -23.68
N LYS B 245 15.65 17.55 -23.47
CA LYS B 245 16.31 16.50 -24.28
C LYS B 245 15.40 16.04 -25.42
N ALA B 246 14.18 16.55 -25.49
CA ALA B 246 13.20 16.01 -26.45
C ALA B 246 13.51 16.58 -27.84
N ARG B 247 13.24 15.80 -28.88
CA ARG B 247 13.53 16.16 -30.29
C ARG B 247 12.20 16.31 -31.02
N LEU B 248 11.62 17.51 -31.04
CA LEU B 248 10.34 17.82 -31.74
C LEU B 248 10.39 17.25 -33.17
N ASP B 249 11.53 17.37 -33.85
CA ASP B 249 11.72 16.92 -35.26
C ASP B 249 11.40 15.42 -35.39
N LYS B 250 11.71 14.57 -34.39
CA LYS B 250 11.55 13.09 -34.57
C LYS B 250 10.10 12.66 -34.28
N ILE B 251 9.30 13.48 -33.61
CA ILE B 251 7.93 13.09 -33.12
C ILE B 251 7.16 12.47 -34.27
N PRO B 252 6.89 13.19 -35.41
CA PRO B 252 6.03 12.68 -36.48
C PRO B 252 6.68 11.54 -37.28
N THR B 253 7.95 11.18 -37.01
CA THR B 253 8.75 10.16 -37.75
C THR B 253 8.63 8.79 -37.08
N LEU B 254 8.31 8.73 -35.78
CA LEU B 254 8.39 7.49 -34.95
C LEU B 254 7.39 6.43 -35.41
N LYS B 255 7.76 5.16 -35.29
CA LYS B 255 6.88 4.00 -35.58
C LYS B 255 5.86 3.84 -34.46
N PRO B 256 4.66 3.31 -34.74
CA PRO B 256 3.69 3.03 -33.69
C PRO B 256 4.37 2.10 -32.69
N ALA B 257 4.03 2.19 -31.40
CA ALA B 257 4.76 1.55 -30.29
C ALA B 257 4.06 0.28 -29.87
N PHE B 258 2.75 0.16 -30.06
CA PHE B 258 1.91 -0.85 -29.37
C PHE B 258 1.15 -1.75 -30.34
N ARG B 259 0.90 -1.31 -31.57
CA ARG B 259 0.13 -2.06 -32.59
C ARG B 259 0.67 -1.74 -34.00
N GLU B 260 0.75 -2.77 -34.85
CA GLU B 260 1.08 -2.63 -36.30
C GLU B 260 0.17 -1.55 -36.88
N GLY B 261 0.75 -0.53 -37.53
CA GLY B 261 0.04 0.59 -38.19
C GLY B 261 -0.89 1.32 -37.24
N GLY B 262 -0.48 1.50 -35.98
CA GLY B 262 -1.24 2.25 -34.96
C GLY B 262 -0.87 3.71 -34.97
N THR B 263 -1.45 4.46 -34.02
CA THR B 263 -1.27 5.93 -33.81
C THR B 263 -0.42 6.22 -32.57
N VAL B 264 -0.38 5.32 -31.59
CA VAL B 264 0.32 5.60 -30.31
C VAL B 264 1.80 5.26 -30.45
N THR B 265 2.66 6.18 -30.02
CA THR B 265 4.15 6.13 -30.11
C THR B 265 4.78 6.45 -28.76
N ALA B 266 6.08 6.21 -28.65
CA ALA B 266 6.94 6.64 -27.54
C ALA B 266 6.74 8.12 -27.24
N ALA B 267 6.50 8.98 -28.23
CA ALA B 267 6.49 10.44 -27.99
C ALA B 267 5.09 10.96 -27.64
N ASN B 268 4.02 10.21 -27.92
CA ASN B 268 2.65 10.64 -27.55
C ASN B 268 2.16 9.78 -26.36
N SER B 269 3.04 8.95 -25.83
CA SER B 269 2.96 8.23 -24.54
C SER B 269 3.85 8.95 -23.52
N SER B 270 3.59 8.79 -22.21
CA SER B 270 4.53 9.29 -21.18
C SER B 270 5.74 8.38 -21.20
N SER B 271 6.87 8.87 -20.72
CA SER B 271 8.13 8.12 -20.58
C SER B 271 8.29 7.58 -19.15
N ILE B 272 9.09 6.54 -19.01
CA ILE B 272 9.61 6.02 -17.73
C ILE B 272 10.40 7.16 -17.04
N SER B 273 10.21 7.31 -15.73
CA SER B 273 10.72 8.50 -14.99
C SER B 273 10.95 8.14 -13.50
N ASP B 274 11.87 8.86 -12.88
CA ASP B 274 12.22 8.73 -11.44
C ASP B 274 11.80 10.04 -10.78
N GLY B 275 11.05 9.97 -9.67
CA GLY B 275 10.68 11.19 -8.95
C GLY B 275 9.85 10.89 -7.71
N ALA B 276 9.63 11.93 -6.90
CA ALA B 276 8.83 11.84 -5.68
C ALA B 276 8.13 13.16 -5.46
N ALA B 277 7.07 13.10 -4.66
CA ALA B 277 6.29 14.27 -4.25
C ALA B 277 5.68 14.01 -2.88
N ALA B 278 5.53 15.09 -2.13
CA ALA B 278 5.07 15.04 -0.74
C ALA B 278 4.30 16.31 -0.45
N LEU B 279 3.20 16.13 0.30
CA LEU B 279 2.28 17.20 0.74
C LEU B 279 1.91 16.99 2.21
N VAL B 280 1.77 18.09 2.96
CA VAL B 280 1.33 18.05 4.38
C VAL B 280 -0.10 18.55 4.43
N LEU B 281 -0.97 17.77 5.09
CA LEU B 281 -2.41 18.06 5.26
C LEU B 281 -2.72 18.21 6.76
N MET B 282 -3.69 19.06 7.05
CA MET B 282 -4.26 19.20 8.40
C MET B 282 -5.60 19.90 8.25
N ARG B 283 -6.42 19.85 9.30
CA ARG B 283 -7.63 20.70 9.45
C ARG B 283 -7.25 22.17 9.27
N LEU B 284 -8.12 22.94 8.62
CA LEU B 284 -7.97 24.42 8.54
C LEU B 284 -7.76 24.98 9.96
N SER B 285 -8.52 24.54 10.94
CA SER B 285 -8.43 25.07 12.34
C SER B 285 -7.03 24.82 12.91
N GLU B 286 -6.37 23.72 12.52
CA GLU B 286 -5.02 23.35 13.00
C GLU B 286 -3.98 24.21 12.27
N ALA B 287 -4.13 24.45 10.96
CA ALA B 287 -3.25 25.40 10.23
C ALA B 287 -3.36 26.79 10.88
N GLU B 288 -4.58 27.24 11.18
CA GLU B 288 -4.83 28.57 11.80
C GLU B 288 -4.22 28.56 13.22
N ARG B 289 -4.48 27.53 14.01
CA ARG B 289 -3.87 27.41 15.36
C ARG B 289 -2.33 27.45 15.23
N ARG B 290 -1.70 27.05 14.11
CA ARG B 290 -0.22 27.07 13.94
C ARG B 290 0.26 28.35 13.27
N GLY B 291 -0.65 29.23 12.85
CA GLY B 291 -0.26 30.41 12.06
C GLY B 291 0.33 30.02 10.72
N LEU B 292 -0.23 29.00 10.11
CA LEU B 292 0.26 28.45 8.82
C LEU B 292 -0.74 28.83 7.70
N ALA B 293 -0.32 29.54 6.66
CA ALA B 293 -1.23 29.90 5.55
C ALA B 293 -1.42 28.66 4.66
N PRO B 294 -2.66 28.12 4.51
CA PRO B 294 -2.88 26.96 3.65
C PRO B 294 -2.61 27.30 2.17
N LEU B 295 -2.11 26.36 1.35
CA LEU B 295 -2.14 26.52 -0.14
C LEU B 295 -3.55 26.40 -0.71
N ALA B 296 -4.37 25.46 -0.21
CA ALA B 296 -5.73 25.17 -0.72
C ALA B 296 -6.50 24.28 0.27
N ALA B 297 -7.83 24.37 0.26
CA ALA B 297 -8.72 23.38 0.88
C ALA B 297 -8.94 22.26 -0.12
N ILE B 298 -9.00 21.02 0.36
CA ILE B 298 -9.54 19.86 -0.42
C ILE B 298 -11.06 19.91 -0.27
N ARG B 299 -11.79 19.99 -1.37
CA ARG B 299 -13.25 20.09 -1.33
C ARG B 299 -13.89 18.75 -1.63
N GLY B 300 -13.13 17.76 -2.11
CA GLY B 300 -13.66 16.40 -2.30
C GLY B 300 -12.68 15.53 -3.07
N HIS B 301 -13.03 14.24 -3.14
CA HIS B 301 -12.27 13.27 -3.95
C HIS B 301 -13.23 12.22 -4.42
N ALA B 302 -12.82 11.46 -5.42
CA ALA B 302 -13.70 10.48 -6.06
C ALA B 302 -12.82 9.37 -6.56
N SER B 303 -13.41 8.18 -6.52
CA SER B 303 -12.78 6.95 -6.97
C SER B 303 -13.70 6.32 -7.99
N PHE B 304 -13.20 5.95 -9.16
CA PHE B 304 -14.02 5.31 -10.22
C PHE B 304 -13.25 4.11 -10.74
N ALA B 305 -13.98 3.04 -11.04
CA ALA B 305 -13.38 1.83 -11.62
C ALA B 305 -14.34 1.22 -12.66
N ASP B 306 -13.75 0.65 -13.69
CA ASP B 306 -14.45 -0.12 -14.73
C ASP B 306 -13.42 -1.13 -15.27
N ALA B 307 -13.67 -1.72 -16.44
CA ALA B 307 -12.79 -2.75 -17.00
C ALA B 307 -11.37 -2.21 -17.13
N PRO B 308 -10.36 -3.05 -16.84
CA PRO B 308 -8.95 -2.72 -17.04
C PRO B 308 -8.64 -2.18 -18.45
N ASN B 309 -9.28 -2.72 -19.51
CA ASN B 309 -8.98 -2.25 -20.90
C ASN B 309 -9.62 -0.89 -21.22
N LEU B 310 -10.43 -0.31 -20.32
CA LEU B 310 -11.07 1.03 -20.50
C LEU B 310 -10.38 2.11 -19.64
N PHE B 311 -9.23 1.82 -19.03
CA PHE B 311 -8.52 2.77 -18.12
C PHE B 311 -8.33 4.16 -18.75
N PRO B 312 -8.04 4.34 -20.07
CA PRO B 312 -7.83 5.67 -20.63
C PRO B 312 -9.00 6.62 -20.43
N THR B 313 -10.24 6.08 -20.32
CA THR B 313 -11.44 6.94 -20.12
C THR B 313 -11.81 7.03 -18.65
N ALA B 314 -11.16 6.27 -17.76
CA ALA B 314 -11.62 6.23 -16.35
C ALA B 314 -11.57 7.61 -15.69
N PRO B 315 -10.60 8.50 -16.01
CA PRO B 315 -10.61 9.84 -15.40
C PRO B 315 -11.92 10.62 -15.60
N VAL B 316 -12.59 10.38 -16.72
CA VAL B 316 -13.87 11.05 -17.07
C VAL B 316 -14.87 10.62 -16.01
N GLY B 317 -14.93 9.34 -15.71
CA GLY B 317 -15.82 8.83 -14.65
C GLY B 317 -15.50 9.47 -13.30
N ALA B 318 -14.23 9.47 -12.91
CA ALA B 318 -13.78 10.03 -11.62
C ALA B 318 -14.17 11.52 -11.54
N VAL B 319 -13.94 12.28 -12.60
CA VAL B 319 -14.21 13.74 -12.57
C VAL B 319 -15.71 14.00 -12.49
N LYS B 320 -16.54 13.23 -13.19
CA LYS B 320 -18.00 13.43 -13.05
C LYS B 320 -18.46 13.08 -11.64
N ARG B 321 -17.97 11.98 -11.07
CA ARG B 321 -18.35 11.67 -9.66
C ARG B 321 -17.83 12.83 -8.78
N LEU B 322 -16.63 13.34 -9.04
CA LEU B 322 -16.10 14.45 -8.22
C LEU B 322 -17.01 15.70 -8.28
N MET B 323 -17.57 16.03 -9.45
CA MET B 323 -18.52 17.17 -9.59
C MET B 323 -19.75 16.92 -8.74
N GLN B 324 -20.28 15.69 -8.76
CA GLN B 324 -21.45 15.38 -7.90
C GLN B 324 -21.08 15.50 -6.43
N ARG B 325 -19.95 14.93 -6.00
CA ARG B 325 -19.61 14.88 -4.56
C ARG B 325 -19.34 16.32 -4.07
N THR B 326 -18.72 17.18 -4.88
CA THR B 326 -18.35 18.55 -4.45
C THR B 326 -19.52 19.52 -4.62
N GLY B 327 -20.49 19.27 -5.50
CA GLY B 327 -21.52 20.27 -5.86
C GLY B 327 -20.95 21.30 -6.84
N TRP B 328 -19.76 21.04 -7.39
CA TRP B 328 -19.15 21.89 -8.44
C TRP B 328 -19.77 21.57 -9.80
N SER B 329 -19.53 22.44 -10.79
CA SER B 329 -19.69 22.09 -12.22
C SER B 329 -18.38 22.36 -12.94
N LEU B 330 -18.21 21.67 -14.05
CA LEU B 330 -16.98 21.67 -14.85
C LEU B 330 -16.63 23.11 -15.21
N GLY B 331 -17.64 23.94 -15.50
CA GLY B 331 -17.48 25.33 -15.94
C GLY B 331 -16.89 26.22 -14.87
N GLU B 332 -17.07 25.88 -13.59
CA GLU B 332 -16.56 26.62 -12.41
C GLU B 332 -15.10 26.26 -12.11
N VAL B 333 -14.47 25.35 -12.85
CA VAL B 333 -13.08 24.91 -12.53
C VAL B 333 -12.13 25.71 -13.41
N ASP B 334 -11.13 26.35 -12.78
CA ASP B 334 -10.09 27.19 -13.42
C ASP B 334 -9.05 26.32 -14.13
N LEU B 335 -8.46 25.32 -13.47
CA LEU B 335 -7.37 24.49 -14.07
C LEU B 335 -7.66 22.99 -13.84
N PHE B 336 -7.34 22.14 -14.82
CA PHE B 336 -7.38 20.67 -14.71
C PHE B 336 -5.97 20.17 -14.89
N GLU B 337 -5.59 19.19 -14.07
CA GLU B 337 -4.47 18.26 -14.33
C GLU B 337 -5.05 16.87 -14.58
N VAL B 338 -4.91 16.39 -15.81
CA VAL B 338 -5.23 14.97 -16.13
C VAL B 338 -3.90 14.32 -16.51
N ASN B 339 -3.46 13.29 -15.78
CA ASN B 339 -2.09 12.77 -15.97
C ASN B 339 -2.00 12.20 -17.39
N GLU B 340 -0.93 12.54 -18.10
CA GLU B 340 -0.80 12.26 -19.55
C GLU B 340 -0.12 10.93 -19.71
N ALA B 341 -0.69 9.88 -19.13
CA ALA B 341 -0.18 8.50 -19.33
C ALA B 341 -0.03 8.32 -20.84
N PHE B 342 -1.01 8.81 -21.62
CA PHE B 342 -0.95 8.87 -23.10
C PHE B 342 -1.68 10.13 -23.50
N ALA B 343 -1.29 10.75 -24.63
CA ALA B 343 -2.02 11.92 -25.17
C ALA B 343 -3.51 11.60 -25.22
N VAL B 344 -3.88 10.37 -25.59
CA VAL B 344 -5.32 9.97 -25.74
C VAL B 344 -6.06 10.17 -24.41
N VAL B 345 -5.37 10.03 -23.27
CA VAL B 345 -6.03 10.17 -21.94
C VAL B 345 -6.45 11.65 -21.82
N GLY B 346 -5.53 12.55 -22.14
CA GLY B 346 -5.83 13.99 -22.08
C GLY B 346 -6.93 14.34 -23.08
N MET B 347 -6.86 13.73 -24.25
CA MET B 347 -7.74 14.08 -25.40
C MET B 347 -9.13 13.52 -25.13
N ALA B 348 -9.23 12.34 -24.52
CA ALA B 348 -10.54 11.77 -24.10
C ALA B 348 -11.20 12.71 -23.09
N ALA B 349 -10.44 13.18 -22.10
CA ALA B 349 -11.01 14.08 -21.05
C ALA B 349 -11.51 15.36 -21.71
N MET B 350 -10.71 16.01 -22.57
CA MET B 350 -11.12 17.22 -23.37
C MET B 350 -12.43 16.90 -24.11
N ARG B 351 -12.50 15.80 -24.86
CA ARG B 351 -13.78 15.47 -25.54
C ARG B 351 -14.90 15.29 -24.50
N ASP B 352 -14.77 14.37 -23.55
CA ASP B 352 -15.96 13.95 -22.77
C ASP B 352 -16.33 15.01 -21.74
N LEU B 353 -15.43 15.89 -21.28
CA LEU B 353 -15.76 16.89 -20.21
C LEU B 353 -15.87 18.29 -20.83
N ASP B 354 -15.66 18.37 -22.13
CA ASP B 354 -15.84 19.61 -22.92
C ASP B 354 -14.85 20.66 -22.34
N LEU B 355 -13.57 20.31 -22.29
CA LEU B 355 -12.52 21.17 -21.70
C LEU B 355 -11.62 21.68 -22.82
N SER B 356 -11.30 22.95 -22.70
CA SER B 356 -10.26 23.70 -23.42
C SER B 356 -8.88 23.12 -23.08
N HIS B 357 -8.02 22.87 -24.08
CA HIS B 357 -6.58 22.59 -23.89
C HIS B 357 -5.97 23.76 -23.13
N GLU B 358 -6.61 24.94 -23.17
CA GLU B 358 -6.06 26.15 -22.51
C GLU B 358 -6.17 25.99 -20.98
N ARG B 359 -7.15 25.21 -20.48
CA ARG B 359 -7.37 24.98 -19.04
C ARG B 359 -6.74 23.65 -18.57
N LEU B 360 -6.14 22.85 -19.44
CA LEU B 360 -5.71 21.47 -19.10
C LEU B 360 -4.19 21.38 -19.15
N ASN B 361 -3.53 20.92 -18.10
CA ASN B 361 -2.08 20.63 -18.11
C ASN B 361 -1.30 21.83 -18.67
N VAL B 362 -1.49 23.01 -18.08
CA VAL B 362 -0.98 24.30 -18.65
C VAL B 362 0.54 24.40 -18.60
N HIS B 363 1.24 23.69 -17.72
CA HIS B 363 2.73 23.71 -17.64
C HIS B 363 3.31 22.47 -18.29
N GLY B 364 2.51 21.76 -19.06
CA GLY B 364 2.92 20.45 -19.60
C GLY B 364 2.50 19.32 -18.69
N GLY B 365 2.84 18.11 -19.08
CA GLY B 365 2.34 16.90 -18.41
C GLY B 365 3.29 15.78 -18.66
N ALA B 366 2.87 14.57 -18.31
CA ALA B 366 3.75 13.39 -18.32
C ALA B 366 4.32 13.12 -19.72
N CYS B 367 3.69 13.56 -20.82
CA CYS B 367 4.24 13.35 -22.20
C CYS B 367 5.56 14.14 -22.32
N ALA B 368 5.73 15.24 -21.58
CA ALA B 368 7.02 15.99 -21.54
C ALA B 368 7.87 15.59 -20.33
N LEU B 369 7.27 15.42 -19.14
CA LEU B 369 8.05 15.37 -17.88
C LEU B 369 8.36 13.94 -17.44
N GLY B 370 7.56 12.96 -17.84
CA GLY B 370 7.68 11.55 -17.39
C GLY B 370 6.58 11.18 -16.40
N HIS B 371 6.49 9.89 -16.11
CA HIS B 371 5.40 9.26 -15.31
C HIS B 371 6.07 8.28 -14.35
N PRO B 372 6.65 8.78 -13.23
CA PRO B 372 7.16 7.92 -12.16
C PRO B 372 5.91 7.37 -11.45
N ILE B 373 5.56 6.13 -11.75
CA ILE B 373 4.14 5.68 -11.64
C ILE B 373 3.57 5.95 -10.24
N GLY B 374 4.26 5.58 -9.17
CA GLY B 374 3.76 5.78 -7.78
C GLY B 374 3.74 7.22 -7.29
N ALA B 375 4.41 8.15 -7.96
CA ALA B 375 4.45 9.57 -7.57
C ALA B 375 3.50 10.46 -8.40
N SER B 376 3.17 10.11 -9.64
CA SER B 376 2.47 11.05 -10.57
C SER B 376 1.17 11.56 -9.95
N GLY B 377 0.43 10.73 -9.23
CA GLY B 377 -0.86 11.14 -8.65
C GLY B 377 -0.70 12.28 -7.66
N ALA B 378 0.42 12.32 -6.96
CA ALA B 378 0.76 13.44 -6.06
C ALA B 378 1.43 14.58 -6.84
N ARG B 379 2.32 14.23 -7.76
CA ARG B 379 3.11 15.19 -8.57
C ARG B 379 2.14 16.18 -9.22
N ILE B 380 1.09 15.68 -9.87
CA ILE B 380 0.16 16.54 -10.66
C ILE B 380 -0.57 17.47 -9.71
N VAL B 381 -0.80 17.07 -8.45
CA VAL B 381 -1.44 17.96 -7.45
C VAL B 381 -0.43 19.07 -7.05
N VAL B 382 0.85 18.75 -6.89
CA VAL B 382 1.86 19.82 -6.60
C VAL B 382 1.85 20.85 -7.75
N THR B 383 1.95 20.41 -9.01
CA THR B 383 1.96 21.26 -10.23
C THR B 383 0.67 22.09 -10.28
N LEU B 384 -0.47 21.47 -10.00
CA LEU B 384 -1.77 22.19 -10.01
C LEU B 384 -1.76 23.32 -8.96
N LEU B 385 -1.28 23.05 -7.74
CA LEU B 385 -1.31 24.07 -6.65
C LEU B 385 -0.46 25.28 -7.09
N ASN B 386 0.75 25.04 -7.61
CA ASN B 386 1.73 26.09 -8.02
C ASN B 386 1.06 26.96 -9.10
N ALA B 387 0.39 26.31 -10.04
CA ALA B 387 -0.20 26.97 -11.23
C ALA B 387 -1.42 27.79 -10.78
N LEU B 388 -2.24 27.25 -9.89
CA LEU B 388 -3.35 28.03 -9.34
C LEU B 388 -2.80 29.31 -8.68
N GLN B 389 -1.75 29.21 -7.87
CA GLN B 389 -1.15 30.39 -7.22
C GLN B 389 -0.65 31.35 -8.31
N GLN B 390 0.14 30.86 -9.27
CA GLN B 390 0.83 31.73 -10.26
C GLN B 390 -0.13 32.59 -11.07
N TYR B 391 -1.35 32.14 -11.34
CA TYR B 391 -2.37 32.82 -12.19
C TYR B 391 -3.48 33.37 -11.28
N ASP B 392 -3.28 33.31 -9.96
CA ASP B 392 -4.28 33.74 -8.97
C ASP B 392 -5.65 33.15 -9.29
N LEU B 393 -5.74 31.83 -9.53
CA LEU B 393 -7.05 31.15 -9.75
C LEU B 393 -7.53 30.39 -8.48
N GLU B 394 -8.81 30.01 -8.45
CA GLU B 394 -9.47 29.52 -7.22
C GLU B 394 -9.57 27.98 -7.24
N ARG B 395 -10.04 27.36 -8.33
CA ARG B 395 -10.51 25.96 -8.34
C ARG B 395 -9.69 25.10 -9.30
N GLY B 396 -9.10 24.03 -8.75
CA GLY B 396 -8.36 23.03 -9.55
C GLY B 396 -9.00 21.65 -9.45
N VAL B 397 -8.88 20.85 -10.50
CA VAL B 397 -9.15 19.40 -10.44
C VAL B 397 -7.95 18.63 -10.96
N ALA B 398 -7.48 17.64 -10.19
CA ALA B 398 -6.48 16.67 -10.67
C ALA B 398 -7.14 15.28 -10.74
N ALA B 399 -6.85 14.54 -11.80
CA ALA B 399 -7.39 13.20 -12.11
C ALA B 399 -6.28 12.36 -12.74
N VAL B 400 -6.26 11.08 -12.42
CA VAL B 400 -5.21 10.16 -12.90
C VAL B 400 -5.86 8.82 -13.20
N CYS B 401 -5.58 8.25 -14.37
CA CYS B 401 -6.00 6.90 -14.82
C CYS B 401 -5.05 5.89 -14.19
N ILE B 402 -5.53 4.67 -13.99
CA ILE B 402 -4.89 3.67 -13.10
C ILE B 402 -4.98 2.26 -13.70
N GLY B 403 -3.82 1.61 -13.83
CA GLY B 403 -3.71 0.22 -14.32
C GLY B 403 -4.68 -0.64 -13.54
N GLY B 404 -5.40 -1.57 -14.21
CA GLY B 404 -6.50 -2.27 -13.54
C GLY B 404 -7.87 -1.64 -13.82
N GLY B 405 -7.85 -0.45 -14.44
CA GLY B 405 -9.05 0.21 -14.99
C GLY B 405 -9.67 1.24 -14.07
N GLU B 406 -8.88 2.01 -13.32
CA GLU B 406 -9.46 2.90 -12.27
C GLU B 406 -9.04 4.32 -12.57
N ALA B 407 -9.62 5.24 -11.83
CA ALA B 407 -9.14 6.62 -11.79
C ALA B 407 -9.53 7.21 -10.45
N THR B 408 -8.76 8.19 -10.01
CA THR B 408 -9.11 9.03 -8.85
C THR B 408 -9.06 10.48 -9.31
N ALA B 409 -9.74 11.35 -8.57
CA ALA B 409 -9.80 12.79 -8.84
C ALA B 409 -10.00 13.47 -7.49
N ILE B 410 -9.44 14.66 -7.38
CA ILE B 410 -9.37 15.50 -6.16
C ILE B 410 -9.63 16.95 -6.58
N ALA B 411 -10.45 17.62 -5.81
CA ALA B 411 -10.80 19.03 -5.96
C ALA B 411 -10.08 19.83 -4.88
N VAL B 412 -9.38 20.88 -5.30
CA VAL B 412 -8.66 21.83 -4.42
C VAL B 412 -9.15 23.24 -4.73
N GLU B 413 -9.20 24.08 -3.69
CA GLU B 413 -9.70 25.47 -3.80
C GLU B 413 -8.84 26.42 -2.96
N ARG B 414 -8.20 27.41 -3.58
CA ARG B 414 -7.46 28.50 -2.88
C ARG B 414 -8.48 29.45 -2.28
N LEU B 415 -8.18 29.89 -1.07
CA LEU B 415 -9.03 30.70 -0.15
C LEU B 415 -8.42 32.10 -0.05
#